data_9IWJ
#
_entry.id   9IWJ
#
_cell.length_a   99.730
_cell.length_b   112.152
_cell.length_c   122.825
_cell.angle_alpha   90.00
_cell.angle_beta   90.00
_cell.angle_gamma   90.00
#
_symmetry.space_group_name_H-M   'P 21 21 21'
#
loop_
_entity.id
_entity.type
_entity.pdbx_description
1 polymer 'Peroxisome proliferator-activated receptor alpha'
2 polymer 'Nuclear receptor corepressor 2'
#
loop_
_entity_poly.entity_id
_entity_poly.type
_entity_poly.pdbx_seq_one_letter_code
_entity_poly.pdbx_strand_id
1 'polypeptide(L)'
;GSHMTADLKSLAKRIYEAYLKNFNMNKVKARVILSGKASNNPPFVIHDMETLCMAEKTLVAKLVANGIQNKEAEVRIFHC
CQCTSVETVTELTEFAKAIPGFANLDLNDQVTLLKYGVYEAIFAMLSSVMNKDGMLVAYGNGFITREFLKSLRKPFCDIM
EPKFDFAMKFNALELDDSDISLFVAAIICCGDRPGLLNVGHIEKMQEGIVHVLRLHLQSNHPDDIFLFPKLLQKMADLRQ
LVTEHAQLVQIIKKTESDAALHPLLQEIYRDMY
;
A,B,C,D
2 'polypeptide(L)' TNMGLEAIIRKALMGKYDQWEE E,F,G,H
#
# COMPACT_ATOMS: atom_id res chain seq x y z
N LYS A 9 -30.39 -32.60 16.89
CA LYS A 9 -31.32 -32.70 18.02
C LYS A 9 -30.62 -32.45 19.34
N SER A 10 -31.42 -32.36 20.41
CA SER A 10 -30.94 -32.09 21.76
C SER A 10 -30.18 -30.77 21.86
N LEU A 11 -30.36 -29.88 20.89
CA LEU A 11 -29.72 -28.57 20.91
C LEU A 11 -30.58 -27.53 21.62
N ALA A 12 -31.90 -27.55 21.38
CA ALA A 12 -32.78 -26.61 22.05
C ALA A 12 -32.80 -26.84 23.56
N LYS A 13 -32.68 -28.10 23.99
CA LYS A 13 -32.68 -28.39 25.42
C LYS A 13 -31.41 -27.86 26.07
N ARG A 14 -30.24 -28.14 25.47
CA ARG A 14 -28.99 -27.72 26.08
C ARG A 14 -28.83 -26.20 26.05
N ILE A 15 -29.39 -25.53 25.05
CA ILE A 15 -29.35 -24.07 25.03
C ILE A 15 -30.30 -23.49 26.06
N TYR A 16 -31.47 -24.12 26.24
CA TYR A 16 -32.41 -23.66 27.25
C TYR A 16 -31.89 -23.91 28.66
N GLU A 17 -31.16 -25.01 28.86
CA GLU A 17 -30.55 -25.27 30.17
C GLU A 17 -29.48 -24.25 30.49
N ALA A 18 -28.62 -23.93 29.52
CA ALA A 18 -27.59 -22.91 29.72
C ALA A 18 -28.20 -21.55 30.03
N TYR A 19 -29.41 -21.30 29.52
CA TYR A 19 -30.09 -20.03 29.77
C TYR A 19 -30.65 -19.99 31.20
N LEU A 20 -31.35 -21.06 31.60
CA LEU A 20 -31.87 -21.12 32.97
C LEU A 20 -30.75 -21.16 33.99
N LYS A 21 -29.58 -21.70 33.61
CA LYS A 21 -28.48 -21.85 34.56
C LYS A 21 -27.68 -20.57 34.73
N ASN A 22 -27.44 -19.83 33.64
CA ASN A 22 -26.50 -18.72 33.67
C ASN A 22 -27.14 -17.36 33.81
N PHE A 23 -28.47 -17.25 33.80
CA PHE A 23 -29.16 -15.97 33.90
C PHE A 23 -29.95 -15.93 35.19
N ASN A 24 -29.55 -15.04 36.11
CA ASN A 24 -30.23 -14.95 37.39
C ASN A 24 -31.69 -14.56 37.23
N MET A 25 -31.98 -13.69 36.27
CA MET A 25 -33.34 -13.23 35.99
C MET A 25 -33.82 -13.82 34.67
N ASN A 26 -35.03 -14.38 34.67
CA ASN A 26 -35.68 -14.86 33.45
C ASN A 26 -37.10 -14.31 33.41
N LYS A 27 -37.80 -14.59 32.31
CA LYS A 27 -39.13 -14.04 32.13
C LYS A 27 -40.13 -14.63 33.12
N VAL A 28 -39.91 -15.88 33.54
CA VAL A 28 -40.80 -16.49 34.52
C VAL A 28 -40.70 -15.75 35.85
N LYS A 29 -39.49 -15.62 36.38
CA LYS A 29 -39.31 -14.95 37.66
C LYS A 29 -39.69 -13.46 37.57
N ALA A 30 -39.39 -12.82 36.43
CA ALA A 30 -39.74 -11.42 36.28
C ALA A 30 -41.25 -11.22 36.28
N ARG A 31 -41.98 -12.08 35.56
CA ARG A 31 -43.44 -11.96 35.54
C ARG A 31 -44.04 -12.28 36.90
N VAL A 32 -43.38 -13.14 37.68
CA VAL A 32 -43.85 -13.42 39.04
C VAL A 32 -43.70 -12.18 39.92
N ILE A 33 -42.52 -11.53 39.85
CA ILE A 33 -42.31 -10.32 40.62
C ILE A 33 -43.23 -9.21 40.14
N LEU A 34 -43.33 -9.03 38.82
CA LEU A 34 -44.20 -7.99 38.27
C LEU A 34 -45.66 -8.24 38.61
N SER A 35 -46.05 -9.51 38.79
CA SER A 35 -47.43 -9.81 39.11
C SER A 35 -47.83 -9.26 40.47
N GLY A 36 -46.87 -9.09 41.37
CA GLY A 36 -47.16 -8.69 42.73
C GLY A 36 -48.07 -9.69 43.42
N LYS A 37 -47.74 -10.97 43.31
CA LYS A 37 -48.62 -12.02 43.81
C LYS A 37 -48.00 -12.72 45.01
N ALA A 38 -47.16 -13.72 44.74
CA ALA A 38 -46.59 -14.59 45.77
C ALA A 38 -45.54 -13.88 46.62
N SER A 39 -45.85 -12.66 47.06
CA SER A 39 -44.95 -11.89 47.91
C SER A 39 -45.65 -10.65 48.45
N ASN A 40 -45.67 -10.48 49.77
CA ASN A 40 -46.21 -9.29 50.39
C ASN A 40 -45.14 -8.21 50.57
N ASN A 41 -43.99 -8.35 49.93
CA ASN A 41 -42.90 -7.39 50.01
C ASN A 41 -42.54 -6.99 48.58
N PRO A 42 -43.30 -6.07 47.98
CA PRO A 42 -43.08 -5.73 46.57
C PRO A 42 -41.77 -5.00 46.38
N PRO A 43 -41.29 -4.88 45.15
CA PRO A 43 -40.06 -4.11 44.91
C PRO A 43 -40.25 -2.63 45.21
N PHE A 44 -39.14 -1.98 45.56
CA PHE A 44 -39.17 -0.56 45.87
C PHE A 44 -39.43 0.25 44.60
N VAL A 45 -40.45 1.10 44.65
CA VAL A 45 -40.88 1.87 43.48
C VAL A 45 -40.09 3.17 43.41
N ILE A 46 -39.36 3.34 42.33
CA ILE A 46 -38.64 4.57 42.03
C ILE A 46 -39.51 5.38 41.08
N HIS A 47 -40.12 6.46 41.58
CA HIS A 47 -41.06 7.23 40.78
C HIS A 47 -40.88 8.74 40.91
N ASP A 48 -39.82 9.21 41.57
CA ASP A 48 -39.57 10.64 41.69
C ASP A 48 -38.09 10.83 41.98
N MET A 49 -37.70 12.09 42.20
CA MET A 49 -36.30 12.39 42.50
C MET A 49 -35.94 11.92 43.90
N GLU A 50 -36.87 12.01 44.86
CA GLU A 50 -36.59 11.59 46.22
C GLU A 50 -36.33 10.08 46.28
N THR A 51 -37.26 9.29 45.72
CA THR A 51 -37.08 7.84 45.73
C THR A 51 -35.86 7.42 44.93
N LEU A 52 -35.56 8.13 43.84
CA LEU A 52 -34.34 7.85 43.09
C LEU A 52 -33.10 8.11 43.96
N CYS A 53 -33.12 9.20 44.72
CA CYS A 53 -31.99 9.49 45.61
C CYS A 53 -31.87 8.44 46.70
N MET A 54 -33.00 7.90 47.18
CA MET A 54 -32.94 6.83 48.15
C MET A 54 -32.31 5.57 47.55
N ALA A 55 -32.70 5.23 46.33
CA ALA A 55 -32.15 4.03 45.69
C ALA A 55 -30.67 4.21 45.35
N GLU A 56 -30.30 5.37 44.82
CA GLU A 56 -28.91 5.61 44.46
C GLU A 56 -27.99 5.57 45.67
N LYS A 57 -28.48 6.00 46.84
CA LYS A 57 -27.64 6.02 48.02
C LYS A 57 -27.28 4.62 48.48
N THR A 58 -28.23 3.68 48.40
CA THR A 58 -27.96 2.31 48.83
C THR A 58 -27.15 1.52 47.82
N LEU A 59 -27.10 1.96 46.56
CA LEU A 59 -26.31 1.25 45.55
C LEU A 59 -24.82 1.51 45.73
N VAL A 60 -24.45 2.74 46.09
CA VAL A 60 -23.04 3.07 46.28
C VAL A 60 -22.47 2.42 47.54
N ALA A 61 -23.32 2.10 48.51
CA ALA A 61 -22.86 1.46 49.73
C ALA A 61 -23.26 -0.02 49.74
N SER A 85 -23.61 -3.51 32.34
CA SER A 85 -23.26 -4.03 33.66
C SER A 85 -22.33 -5.22 33.54
N VAL A 86 -21.30 -5.27 34.41
CA VAL A 86 -20.32 -6.34 34.32
C VAL A 86 -20.95 -7.70 34.60
N GLU A 87 -21.91 -7.75 35.53
CA GLU A 87 -22.61 -9.00 35.81
C GLU A 87 -23.47 -9.42 34.63
N THR A 88 -24.16 -8.46 34.00
CA THR A 88 -25.01 -8.78 32.86
C THR A 88 -24.19 -9.31 31.69
N VAL A 89 -23.01 -8.72 31.45
CA VAL A 89 -22.15 -9.18 30.36
C VAL A 89 -21.51 -10.51 30.71
N THR A 90 -21.17 -10.71 31.99
CA THR A 90 -20.59 -11.98 32.40
C THR A 90 -21.61 -13.12 32.28
N GLU A 91 -22.87 -12.83 32.58
CA GLU A 91 -23.92 -13.85 32.44
C GLU A 91 -24.06 -14.30 30.99
N LEU A 92 -23.99 -13.36 30.05
CA LEU A 92 -24.08 -13.72 28.64
C LEU A 92 -22.83 -14.44 28.17
N THR A 93 -21.67 -14.13 28.75
CA THR A 93 -20.43 -14.79 28.36
C THR A 93 -20.44 -16.26 28.78
N GLU A 94 -20.84 -16.53 30.01
CA GLU A 94 -20.96 -17.91 30.47
C GLU A 94 -22.04 -18.67 29.71
N PHE A 95 -23.12 -17.98 29.34
CA PHE A 95 -24.17 -18.63 28.55
C PHE A 95 -23.69 -18.93 27.14
N ALA A 96 -22.88 -18.05 26.56
CA ALA A 96 -22.38 -18.27 25.21
C ALA A 96 -21.47 -19.49 25.16
N LYS A 97 -20.44 -19.51 26.02
CA LYS A 97 -19.51 -20.63 26.03
C LYS A 97 -20.19 -21.94 26.43
N ALA A 98 -21.42 -21.88 26.94
CA ALA A 98 -22.22 -23.08 27.20
C ALA A 98 -23.09 -23.47 26.01
N ILE A 99 -23.11 -22.66 24.95
CA ILE A 99 -23.78 -23.07 23.71
C ILE A 99 -22.92 -24.11 23.01
N PRO A 100 -23.46 -25.24 22.59
CA PRO A 100 -22.65 -26.27 21.94
C PRO A 100 -21.93 -25.75 20.70
N GLY A 101 -20.60 -25.82 20.73
CA GLY A 101 -19.76 -25.36 19.65
C GLY A 101 -19.09 -24.03 19.89
N PHE A 102 -19.65 -23.19 20.76
CA PHE A 102 -19.08 -21.86 20.98
C PHE A 102 -17.72 -21.96 21.68
N ALA A 103 -17.58 -22.89 22.61
CA ALA A 103 -16.30 -23.05 23.31
C ALA A 103 -15.22 -23.60 22.39
N ASN A 104 -15.59 -24.27 21.30
CA ASN A 104 -14.64 -24.83 20.35
C ASN A 104 -14.09 -23.80 19.37
N LEU A 105 -14.72 -22.63 19.28
CA LEU A 105 -14.25 -21.59 18.37
C LEU A 105 -12.92 -21.02 18.86
N ASP A 106 -12.24 -20.32 17.95
CA ASP A 106 -11.06 -19.56 18.33
C ASP A 106 -11.44 -18.52 19.38
N LEU A 107 -10.49 -18.23 20.27
CA LEU A 107 -10.78 -17.33 21.38
C LEU A 107 -11.11 -15.92 20.88
N ASN A 108 -10.42 -15.45 19.85
CA ASN A 108 -10.69 -14.12 19.33
C ASN A 108 -12.06 -14.04 18.66
N ASP A 109 -12.53 -15.15 18.09
CA ASP A 109 -13.88 -15.16 17.52
C ASP A 109 -14.93 -15.14 18.62
N GLN A 110 -14.70 -15.88 19.71
CA GLN A 110 -15.61 -15.83 20.85
C GLN A 110 -15.69 -14.42 21.41
N VAL A 111 -14.56 -13.72 21.47
CA VAL A 111 -14.57 -12.33 21.90
C VAL A 111 -15.30 -11.46 20.89
N THR A 112 -15.09 -11.71 19.59
CA THR A 112 -15.72 -10.90 18.57
C THR A 112 -17.24 -11.10 18.56
N LEU A 113 -17.68 -12.36 18.62
CA LEU A 113 -19.11 -12.64 18.62
C LEU A 113 -19.79 -12.01 19.83
N LEU A 114 -19.12 -12.01 20.98
CA LEU A 114 -19.72 -11.42 22.17
C LEU A 114 -19.63 -9.91 22.17
N LYS A 115 -18.57 -9.34 21.58
CA LYS A 115 -18.39 -7.89 21.65
C LYS A 115 -19.47 -7.14 20.88
N TYR A 116 -19.94 -7.70 19.77
CA TYR A 116 -20.93 -7.03 18.94
C TYR A 116 -22.36 -7.47 19.19
N GLY A 117 -22.57 -8.61 19.85
CA GLY A 117 -23.91 -9.12 20.05
C GLY A 117 -24.44 -9.01 21.47
N VAL A 118 -23.61 -8.53 22.40
CA VAL A 118 -24.02 -8.51 23.81
C VAL A 118 -25.13 -7.48 24.02
N TYR A 119 -24.99 -6.28 23.44
CA TYR A 119 -25.99 -5.25 23.62
C TYR A 119 -27.34 -5.65 23.01
N GLU A 120 -27.31 -6.31 21.85
CA GLU A 120 -28.54 -6.80 21.25
C GLU A 120 -29.21 -7.83 22.15
N ALA A 121 -28.43 -8.75 22.70
CA ALA A 121 -28.99 -9.75 23.61
C ALA A 121 -29.50 -9.11 24.89
N ILE A 122 -28.75 -8.14 25.43
CA ILE A 122 -29.20 -7.44 26.64
C ILE A 122 -30.55 -6.79 26.42
N PHE A 123 -30.68 -6.01 25.34
CA PHE A 123 -31.94 -5.33 25.06
C PHE A 123 -33.05 -6.31 24.72
N ALA A 124 -32.71 -7.46 24.12
CA ALA A 124 -33.71 -8.48 23.87
C ALA A 124 -34.30 -9.00 25.18
N MET A 125 -33.43 -9.49 26.08
CA MET A 125 -33.89 -10.00 27.37
C MET A 125 -34.41 -8.90 28.29
N LEU A 126 -34.03 -7.64 28.04
CA LEU A 126 -34.54 -6.53 28.84
C LEU A 126 -36.06 -6.45 28.77
N SER A 127 -36.65 -6.94 27.69
CA SER A 127 -38.10 -6.94 27.55
C SER A 127 -38.76 -7.80 28.63
N SER A 128 -38.05 -8.83 29.11
CA SER A 128 -38.63 -9.75 30.08
C SER A 128 -38.98 -9.07 31.39
N VAL A 129 -38.27 -7.99 31.76
CA VAL A 129 -38.50 -7.32 33.02
C VAL A 129 -39.26 -6.00 32.84
N MET A 130 -39.85 -5.78 31.66
CA MET A 130 -40.53 -4.53 31.35
C MET A 130 -42.02 -4.75 31.16
N ASN A 131 -42.82 -3.79 31.63
CA ASN A 131 -44.22 -3.72 31.26
C ASN A 131 -44.51 -2.33 30.72
N LYS A 132 -45.79 -2.03 30.46
CA LYS A 132 -46.13 -0.74 29.87
C LYS A 132 -45.91 0.43 30.82
N ASP A 133 -45.69 0.17 32.11
CA ASP A 133 -45.58 1.24 33.09
C ASP A 133 -44.21 1.34 33.76
N GLY A 134 -43.33 0.37 33.58
CA GLY A 134 -42.02 0.47 34.19
C GLY A 134 -41.20 -0.78 33.94
N MET A 135 -40.11 -0.89 34.71
CA MET A 135 -39.19 -2.01 34.56
C MET A 135 -38.60 -2.37 35.92
N LEU A 136 -38.22 -3.63 36.07
CA LEU A 136 -37.56 -4.10 37.28
C LEU A 136 -36.06 -3.82 37.19
N VAL A 137 -35.49 -3.44 38.33
CA VAL A 137 -34.06 -3.18 38.45
C VAL A 137 -33.53 -3.89 39.67
N ALA A 138 -32.20 -4.02 39.74
CA ALA A 138 -31.49 -4.60 40.87
C ALA A 138 -32.03 -5.98 41.22
N TYR A 139 -31.93 -6.89 40.24
CA TYR A 139 -32.32 -8.29 40.40
C TYR A 139 -33.78 -8.43 40.82
N GLY A 140 -34.62 -7.47 40.43
CA GLY A 140 -36.02 -7.50 40.78
C GLY A 140 -36.36 -6.83 42.09
N ASN A 141 -35.39 -6.26 42.81
CA ASN A 141 -35.67 -5.62 44.08
C ASN A 141 -36.26 -4.23 43.92
N GLY A 142 -36.12 -3.61 42.75
CA GLY A 142 -36.65 -2.29 42.53
C GLY A 142 -37.50 -2.25 41.27
N PHE A 143 -38.27 -1.17 41.16
CA PHE A 143 -39.14 -0.97 40.00
C PHE A 143 -39.20 0.53 39.73
N ILE A 144 -38.58 0.96 38.63
CA ILE A 144 -38.57 2.36 38.23
C ILE A 144 -39.65 2.57 37.18
N THR A 145 -40.52 3.55 37.40
CA THR A 145 -41.67 3.75 36.54
C THR A 145 -41.27 4.36 35.21
N ARG A 146 -42.07 4.07 34.18
CA ARG A 146 -41.77 4.56 32.84
C ARG A 146 -41.94 6.08 32.76
N GLU A 147 -42.95 6.62 33.46
CA GLU A 147 -43.20 8.06 33.39
C GLU A 147 -42.09 8.86 34.06
N PHE A 148 -41.50 8.33 35.13
CA PHE A 148 -40.40 9.05 35.78
C PHE A 148 -39.17 9.12 34.88
N LEU A 149 -38.92 8.07 34.07
CA LEU A 149 -37.77 8.09 33.18
C LEU A 149 -37.91 9.13 32.09
N LYS A 150 -39.10 9.24 31.49
CA LYS A 150 -39.33 10.21 30.44
C LYS A 150 -39.65 11.60 30.96
N SER A 151 -39.63 11.80 32.28
CA SER A 151 -39.79 13.13 32.86
C SER A 151 -38.44 13.81 33.16
N LEU A 152 -37.33 13.07 33.09
CA LEU A 152 -36.03 13.68 33.26
C LEU A 152 -35.73 14.63 32.12
N ARG A 153 -34.76 15.51 32.33
CA ARG A 153 -34.39 16.45 31.30
C ARG A 153 -33.52 15.77 30.23
N LYS A 154 -33.40 16.45 29.09
CA LYS A 154 -32.62 15.91 27.99
C LYS A 154 -31.15 15.77 28.40
N PRO A 155 -30.46 14.72 27.90
CA PRO A 155 -31.00 13.67 27.03
C PRO A 155 -31.27 12.37 27.78
N PHE A 156 -31.50 12.47 29.09
CA PHE A 156 -31.69 11.27 29.91
C PHE A 156 -33.05 10.63 29.69
N CYS A 157 -34.08 11.44 29.41
CA CYS A 157 -35.40 10.88 29.16
C CYS A 157 -35.50 10.17 27.81
N ASP A 158 -34.44 10.21 27.00
CA ASP A 158 -34.41 9.53 25.72
C ASP A 158 -33.59 8.26 25.75
N ILE A 159 -33.10 7.85 26.92
CA ILE A 159 -32.23 6.67 27.00
C ILE A 159 -33.06 5.39 27.01
N MET A 160 -34.10 5.35 27.86
CA MET A 160 -34.82 4.12 28.10
C MET A 160 -36.12 3.99 27.32
N GLU A 161 -36.72 5.11 26.91
CA GLU A 161 -37.99 5.04 26.19
C GLU A 161 -37.91 4.24 24.88
N PRO A 162 -36.84 4.34 24.07
CA PRO A 162 -36.75 3.44 22.91
C PRO A 162 -36.78 1.96 23.29
N LYS A 163 -36.28 1.61 24.47
CA LYS A 163 -36.30 0.20 24.88
C LYS A 163 -37.69 -0.22 25.33
N PHE A 164 -38.44 0.68 25.98
CA PHE A 164 -39.83 0.39 26.30
C PHE A 164 -40.65 0.19 25.03
N ASP A 165 -40.32 0.93 23.96
CA ASP A 165 -41.06 0.81 22.71
C ASP A 165 -40.80 -0.55 22.05
N PHE A 166 -39.53 -0.96 22.00
CA PHE A 166 -39.21 -2.28 21.48
C PHE A 166 -39.85 -3.37 22.33
N ALA A 167 -39.73 -3.26 23.66
CA ALA A 167 -40.19 -4.32 24.55
C ALA A 167 -41.70 -4.48 24.48
N MET A 168 -42.44 -3.38 24.30
CA MET A 168 -43.90 -3.48 24.27
C MET A 168 -44.35 -4.27 23.06
N LYS A 169 -43.72 -4.06 21.90
CA LYS A 169 -44.06 -4.83 20.71
C LYS A 169 -43.39 -6.20 20.70
N PHE A 170 -42.26 -6.35 21.41
CA PHE A 170 -41.61 -7.65 21.49
C PHE A 170 -42.36 -8.58 22.42
N ASN A 171 -42.86 -8.05 23.55
CA ASN A 171 -43.66 -8.86 24.46
C ASN A 171 -45.00 -9.24 23.85
N ALA A 172 -45.45 -8.53 22.82
CA ALA A 172 -46.67 -8.91 22.12
C ALA A 172 -46.54 -10.25 21.42
N LEU A 173 -45.32 -10.68 21.09
CA LEU A 173 -45.11 -12.00 20.51
C LEU A 173 -45.29 -13.12 21.52
N GLU A 174 -45.29 -12.81 22.81
CA GLU A 174 -45.59 -13.76 23.89
C GLU A 174 -44.61 -14.93 23.88
N LEU A 175 -43.33 -14.62 23.76
CA LEU A 175 -42.29 -15.64 23.84
C LEU A 175 -42.05 -16.04 25.29
N ASP A 176 -41.82 -17.33 25.51
CA ASP A 176 -41.41 -17.82 26.81
C ASP A 176 -39.90 -17.96 26.85
N ASP A 177 -39.38 -18.39 28.00
CA ASP A 177 -37.93 -18.47 28.18
C ASP A 177 -37.30 -19.48 27.23
N SER A 178 -38.04 -20.53 26.84
CA SER A 178 -37.49 -21.48 25.88
C SER A 178 -37.27 -20.82 24.53
N ASP A 179 -38.18 -19.96 24.11
CA ASP A 179 -37.99 -19.22 22.86
C ASP A 179 -36.85 -18.21 23.00
N ILE A 180 -36.84 -17.46 24.10
CA ILE A 180 -35.85 -16.40 24.29
C ILE A 180 -34.43 -16.98 24.31
N SER A 181 -34.26 -18.17 24.87
CA SER A 181 -32.94 -18.79 24.91
C SER A 181 -32.39 -19.03 23.51
N LEU A 182 -33.23 -19.56 22.61
CA LEU A 182 -32.80 -19.78 21.24
C LEU A 182 -32.67 -18.48 20.47
N PHE A 183 -33.53 -17.49 20.78
CA PHE A 183 -33.43 -16.19 20.12
C PHE A 183 -32.11 -15.52 20.45
N VAL A 184 -31.71 -15.53 21.72
CA VAL A 184 -30.45 -14.90 22.12
C VAL A 184 -29.27 -15.66 21.53
N ALA A 185 -29.36 -16.99 21.43
CA ALA A 185 -28.28 -17.76 20.84
C ALA A 185 -28.07 -17.42 19.36
N ALA A 186 -29.14 -17.12 18.64
CA ALA A 186 -28.99 -16.72 17.24
C ALA A 186 -28.43 -15.31 17.11
N ILE A 187 -28.65 -14.46 18.13
CA ILE A 187 -28.06 -13.13 18.11
C ILE A 187 -26.55 -13.20 18.23
N ILE A 188 -26.04 -14.06 19.11
CA ILE A 188 -24.61 -14.13 19.37
C ILE A 188 -23.89 -14.88 18.26
N CYS A 189 -24.43 -16.03 17.86
CA CYS A 189 -23.79 -16.89 16.86
C CYS A 189 -24.26 -16.50 15.47
N CYS A 190 -23.64 -15.45 14.93
CA CYS A 190 -23.90 -15.01 13.56
C CYS A 190 -22.56 -14.74 12.87
N GLY A 191 -22.41 -15.25 11.65
CA GLY A 191 -21.14 -15.20 10.96
C GLY A 191 -20.90 -13.96 10.14
N ASP A 192 -21.62 -12.87 10.43
CA ASP A 192 -21.42 -11.61 9.72
C ASP A 192 -20.88 -10.52 10.64
N ARG A 193 -20.32 -10.90 11.80
CA ARG A 193 -19.74 -9.92 12.69
C ARG A 193 -18.41 -9.42 12.14
N PRO A 194 -18.10 -8.13 12.32
CA PRO A 194 -16.86 -7.60 11.76
C PRO A 194 -15.63 -8.22 12.39
N GLY A 195 -14.75 -8.77 11.55
CA GLY A 195 -13.47 -9.26 12.00
C GLY A 195 -13.39 -10.72 12.36
N LEU A 196 -14.38 -11.52 12.00
CA LEU A 196 -14.35 -12.94 12.30
C LEU A 196 -13.32 -13.65 11.43
N LEU A 197 -12.68 -14.67 12.00
CA LEU A 197 -11.68 -15.47 11.31
C LEU A 197 -12.28 -16.75 10.75
N ASN A 198 -12.78 -17.63 11.62
CA ASN A 198 -13.36 -18.90 11.21
C ASN A 198 -14.86 -18.70 10.92
N VAL A 199 -15.12 -17.92 9.87
CA VAL A 199 -16.49 -17.61 9.49
C VAL A 199 -17.25 -18.84 9.04
N GLY A 200 -16.55 -19.90 8.61
CA GLY A 200 -17.23 -21.09 8.13
C GLY A 200 -17.97 -21.83 9.23
N HIS A 201 -17.28 -22.06 10.35
CA HIS A 201 -17.92 -22.78 11.46
C HIS A 201 -19.04 -21.97 12.10
N ILE A 202 -18.88 -20.64 12.16
CA ILE A 202 -19.90 -19.82 12.80
C ILE A 202 -21.18 -19.83 11.98
N GLU A 203 -21.06 -19.84 10.65
CA GLU A 203 -22.24 -19.87 9.80
C GLU A 203 -22.95 -21.23 9.86
N LYS A 204 -22.18 -22.31 9.97
CA LYS A 204 -22.80 -23.62 10.16
C LYS A 204 -23.43 -23.75 11.53
N MET A 205 -22.83 -23.13 12.55
CA MET A 205 -23.42 -23.15 13.88
C MET A 205 -24.71 -22.35 13.91
N GLN A 206 -24.74 -21.19 13.23
CA GLN A 206 -25.98 -20.42 13.14
C GLN A 206 -27.04 -21.18 12.36
N GLU A 207 -26.65 -21.94 11.34
CA GLU A 207 -27.60 -22.75 10.60
C GLU A 207 -28.30 -23.75 11.51
N GLY A 208 -27.56 -24.34 12.45
CA GLY A 208 -28.17 -25.27 13.38
C GLY A 208 -29.07 -24.59 14.39
N ILE A 209 -28.64 -23.44 14.91
CA ILE A 209 -29.46 -22.70 15.87
C ILE A 209 -30.73 -22.19 15.19
N VAL A 210 -30.59 -21.62 13.99
CA VAL A 210 -31.74 -21.06 13.28
C VAL A 210 -32.71 -22.17 12.90
N HIS A 211 -32.20 -23.30 12.42
CA HIS A 211 -33.08 -24.42 12.09
C HIS A 211 -33.81 -24.94 13.32
N VAL A 212 -33.14 -24.93 14.48
CA VAL A 212 -33.78 -25.37 15.71
C VAL A 212 -34.78 -24.33 16.19
N LEU A 213 -34.44 -23.05 16.05
CA LEU A 213 -35.38 -21.99 16.43
C LEU A 213 -36.63 -22.02 15.57
N ARG A 214 -36.46 -22.24 14.25
CA ARG A 214 -37.62 -22.30 13.36
C ARG A 214 -38.54 -23.45 13.73
N LEU A 215 -37.98 -24.62 14.01
CA LEU A 215 -38.81 -25.78 14.35
C LEU A 215 -39.43 -25.64 15.73
N HIS A 216 -38.68 -25.05 16.68
CA HIS A 216 -39.22 -24.86 18.02
C HIS A 216 -40.35 -23.84 18.02
N LEU A 217 -40.24 -22.81 17.17
CA LEU A 217 -41.27 -21.77 17.13
C LEU A 217 -42.62 -22.34 16.69
N GLN A 218 -42.62 -23.15 15.63
CA GLN A 218 -43.88 -23.71 15.16
C GLN A 218 -44.41 -24.80 16.08
N SER A 219 -43.55 -25.43 16.88
CA SER A 219 -44.01 -26.41 17.85
C SER A 219 -44.51 -25.75 19.13
N ASN A 220 -43.94 -24.61 19.51
CA ASN A 220 -44.34 -23.91 20.73
C ASN A 220 -45.37 -22.81 20.47
N HIS A 221 -45.40 -22.24 19.27
CA HIS A 221 -46.40 -21.23 18.89
C HIS A 221 -46.92 -21.55 17.50
N PRO A 222 -47.77 -22.57 17.38
CA PRO A 222 -48.20 -23.01 16.04
C PRO A 222 -49.18 -22.07 15.37
N ASP A 223 -50.01 -21.35 16.14
CA ASP A 223 -51.01 -20.48 15.55
C ASP A 223 -50.44 -19.14 15.09
N ASP A 224 -49.15 -18.90 15.28
CA ASP A 224 -48.47 -17.70 14.79
C ASP A 224 -47.41 -18.14 13.79
N ILE A 225 -47.87 -18.54 12.59
CA ILE A 225 -46.99 -19.25 11.67
C ILE A 225 -45.88 -18.35 11.12
N PHE A 226 -46.10 -17.03 11.10
CA PHE A 226 -45.07 -16.09 10.66
C PHE A 226 -44.24 -15.55 11.82
N LEU A 227 -44.18 -16.27 12.93
CA LEU A 227 -43.42 -15.79 14.09
C LEU A 227 -41.93 -15.74 13.79
N PHE A 228 -41.41 -16.73 13.05
CA PHE A 228 -39.98 -16.72 12.73
C PHE A 228 -39.60 -15.54 11.84
N PRO A 229 -40.32 -15.22 10.76
CA PRO A 229 -40.00 -13.97 10.05
C PRO A 229 -40.12 -12.74 10.92
N LYS A 230 -41.07 -12.72 11.85
CA LYS A 230 -41.18 -11.59 12.78
C LYS A 230 -39.94 -11.49 13.66
N LEU A 231 -39.44 -12.62 14.15
CA LEU A 231 -38.24 -12.59 14.98
C LEU A 231 -37.02 -12.13 14.19
N LEU A 232 -36.94 -12.51 12.91
CA LEU A 232 -35.84 -12.03 12.07
C LEU A 232 -35.84 -10.51 11.99
N GLN A 233 -37.02 -9.90 11.86
CA GLN A 233 -37.09 -8.45 11.84
C GLN A 233 -36.73 -7.85 13.19
N LYS A 234 -37.05 -8.54 14.29
CA LYS A 234 -36.69 -8.03 15.61
C LYS A 234 -35.18 -8.03 15.80
N MET A 235 -34.49 -9.05 15.28
CA MET A 235 -33.03 -9.08 15.36
C MET A 235 -32.42 -7.88 14.65
N ALA A 236 -33.03 -7.46 13.54
CA ALA A 236 -32.56 -6.27 12.82
C ALA A 236 -32.92 -5.01 13.58
N ASP A 237 -34.09 -4.99 14.23
CA ASP A 237 -34.47 -3.85 15.06
C ASP A 237 -33.50 -3.69 16.23
N LEU A 238 -33.04 -4.81 16.80
CA LEU A 238 -32.09 -4.75 17.90
C LEU A 238 -30.75 -4.20 17.43
N ARG A 239 -30.27 -4.64 16.26
CA ARG A 239 -29.05 -4.07 15.70
C ARG A 239 -29.16 -2.56 15.56
N GLN A 240 -30.33 -2.07 15.11
CA GLN A 240 -30.52 -0.64 14.96
C GLN A 240 -30.69 0.04 16.30
N LEU A 241 -31.36 -0.62 17.25
CA LEU A 241 -31.53 -0.04 18.58
C LEU A 241 -30.19 0.08 19.30
N VAL A 242 -29.30 -0.89 19.10
CA VAL A 242 -27.97 -0.81 19.69
C VAL A 242 -27.15 0.30 19.05
N THR A 243 -27.22 0.42 17.72
CA THR A 243 -26.54 1.51 17.03
C THR A 243 -27.03 2.85 17.52
N GLU A 244 -28.35 3.01 17.67
CA GLU A 244 -28.89 4.26 18.20
C GLU A 244 -28.51 4.46 19.66
N HIS A 245 -28.26 3.37 20.39
CA HIS A 245 -27.88 3.49 21.79
C HIS A 245 -26.45 4.03 21.93
N ALA A 246 -25.55 3.57 21.05
CA ALA A 246 -24.17 4.02 21.12
C ALA A 246 -24.04 5.50 20.78
N GLN A 247 -24.82 5.98 19.80
CA GLN A 247 -24.80 7.39 19.46
C GLN A 247 -25.24 8.25 20.65
N LEU A 248 -26.38 7.89 21.25
CA LEU A 248 -26.91 8.65 22.37
C LEU A 248 -26.03 8.52 23.61
N VAL A 249 -25.25 7.44 23.73
CA VAL A 249 -24.34 7.29 24.86
C VAL A 249 -23.15 8.23 24.73
N GLN A 250 -22.65 8.41 23.50
CA GLN A 250 -21.47 9.24 23.29
C GLN A 250 -21.74 10.73 23.50
N ILE A 251 -22.99 11.14 23.61
CA ILE A 251 -23.31 12.56 23.85
C ILE A 251 -23.35 12.79 25.36
N ILE A 252 -22.47 12.13 26.10
CA ILE A 252 -22.39 12.28 27.55
C ILE A 252 -20.96 12.62 27.95
N ALA B 6 5.79 26.19 -7.73
CA ALA B 6 4.78 25.22 -8.18
C ALA B 6 5.42 23.88 -8.52
N ASP B 7 5.02 22.83 -7.81
CA ASP B 7 4.04 22.94 -6.74
C ASP B 7 4.70 22.85 -5.37
N LEU B 8 5.85 23.53 -5.24
CA LEU B 8 6.52 23.65 -3.95
C LEU B 8 5.73 24.51 -2.97
N LYS B 9 4.56 25.03 -3.39
CA LYS B 9 3.79 25.93 -2.55
C LYS B 9 3.37 25.29 -1.24
N SER B 10 3.21 23.96 -1.22
CA SER B 10 2.79 23.26 -0.02
C SER B 10 3.81 22.22 0.45
N LEU B 11 5.02 22.22 -0.11
CA LEU B 11 6.02 21.23 0.27
C LEU B 11 6.35 21.32 1.75
N ALA B 12 6.71 22.52 2.22
CA ALA B 12 7.09 22.69 3.62
C ALA B 12 5.96 22.34 4.56
N LYS B 13 4.72 22.73 4.21
CA LYS B 13 3.57 22.44 5.06
C LYS B 13 3.37 20.93 5.18
N ARG B 14 3.39 20.22 4.04
CA ARG B 14 3.16 18.77 4.08
C ARG B 14 4.29 18.04 4.79
N ILE B 15 5.54 18.48 4.59
CA ILE B 15 6.68 17.82 5.23
C ILE B 15 6.62 18.00 6.73
N TYR B 16 6.33 19.22 7.20
CA TYR B 16 6.21 19.47 8.63
C TYR B 16 5.06 18.70 9.23
N GLU B 17 3.93 18.63 8.53
CA GLU B 17 2.79 17.83 9.01
C GLU B 17 3.17 16.37 9.10
N ALA B 18 3.91 15.86 8.11
CA ALA B 18 4.37 14.47 8.17
C ALA B 18 5.30 14.25 9.34
N TYR B 19 6.13 15.26 9.65
CA TYR B 19 7.03 15.18 10.79
C TYR B 19 6.26 15.14 12.10
N LEU B 20 5.31 16.06 12.28
CA LEU B 20 4.52 16.10 13.50
C LEU B 20 3.74 14.82 13.71
N LYS B 21 3.31 14.17 12.63
CA LYS B 21 2.43 13.02 12.74
C LYS B 21 3.17 11.73 13.03
N ASN B 22 4.40 11.58 12.53
CA ASN B 22 5.07 10.28 12.56
C ASN B 22 6.17 10.17 13.61
N PHE B 23 6.60 11.27 14.21
CA PHE B 23 7.65 11.24 15.23
C PHE B 23 7.02 11.50 16.59
N ASN B 24 7.05 10.48 17.45
CA ASN B 24 6.46 10.60 18.78
C ASN B 24 7.22 11.59 19.65
N MET B 25 8.53 11.73 19.43
CA MET B 25 9.36 12.67 20.17
C MET B 25 9.91 13.71 19.22
N ASN B 26 9.62 14.97 19.47
CA ASN B 26 10.17 16.10 18.73
C ASN B 26 10.91 17.02 19.69
N LYS B 27 11.43 18.14 19.16
CA LYS B 27 12.26 19.02 19.96
C LYS B 27 11.43 19.80 20.97
N VAL B 28 10.22 20.21 20.60
CA VAL B 28 9.36 20.94 21.52
C VAL B 28 9.06 20.10 22.75
N LYS B 29 8.62 18.84 22.54
CA LYS B 29 8.37 17.95 23.67
C LYS B 29 9.63 17.72 24.48
N ALA B 30 10.75 17.47 23.79
CA ALA B 30 11.99 17.15 24.50
C ALA B 30 12.52 18.34 25.28
N ARG B 31 12.34 19.56 24.77
CA ARG B 31 12.84 20.75 25.47
C ARG B 31 12.04 21.03 26.74
N VAL B 32 10.74 20.71 26.74
CA VAL B 32 9.95 20.90 27.94
C VAL B 32 10.36 19.91 29.02
N ILE B 33 10.78 18.70 28.63
CA ILE B 33 11.21 17.70 29.61
C ILE B 33 12.64 17.97 30.06
N LEU B 34 13.54 18.22 29.10
CA LEU B 34 14.93 18.51 29.41
C LEU B 34 15.06 19.74 30.29
N SER B 35 14.86 20.92 29.70
CA SER B 35 14.70 22.13 30.49
C SER B 35 13.39 22.02 31.25
N GLY B 36 13.35 21.12 32.24
CA GLY B 36 12.12 20.75 32.91
C GLY B 36 11.40 21.87 33.62
N LYS B 37 11.37 21.82 34.96
CA LYS B 37 10.78 22.88 35.78
C LYS B 37 9.31 23.13 35.45
N ALA B 38 8.99 23.31 34.17
CA ALA B 38 7.62 23.53 33.70
C ALA B 38 6.78 22.26 33.85
N SER B 39 6.91 21.61 35.01
CA SER B 39 6.28 20.36 35.44
C SER B 39 7.25 19.68 36.41
N ASN B 40 6.73 18.83 37.27
CA ASN B 40 7.59 18.04 38.12
C ASN B 40 7.53 16.58 37.69
N ASN B 41 7.96 15.67 38.56
CA ASN B 41 8.14 14.28 38.20
C ASN B 41 9.11 14.20 37.02
N PRO B 42 10.40 14.43 37.25
CA PRO B 42 11.35 14.46 36.14
C PRO B 42 11.60 13.06 35.61
N PRO B 43 12.26 12.93 34.46
CA PRO B 43 12.57 11.59 33.94
C PRO B 43 13.52 10.85 34.86
N PHE B 44 13.34 9.53 34.93
CA PHE B 44 14.19 8.68 35.76
C PHE B 44 15.63 8.77 35.27
N VAL B 45 16.54 9.19 36.15
CA VAL B 45 17.92 9.44 35.76
C VAL B 45 18.71 8.12 35.80
N ILE B 46 19.38 7.82 34.69
CA ILE B 46 20.24 6.65 34.57
C ILE B 46 21.67 7.16 34.61
N HIS B 47 22.32 7.07 35.77
CA HIS B 47 23.65 7.64 35.97
C HIS B 47 24.67 6.63 36.47
N ASP B 48 24.26 5.40 36.77
CA ASP B 48 25.18 4.36 37.20
C ASP B 48 24.66 3.03 36.71
N MET B 49 25.31 1.93 37.14
CA MET B 49 24.92 0.62 36.66
C MET B 49 23.67 0.10 37.34
N GLU B 50 23.42 0.50 38.59
CA GLU B 50 22.22 0.05 39.28
C GLU B 50 20.97 0.72 38.70
N THR B 51 21.04 2.04 38.47
CA THR B 51 19.91 2.72 37.83
C THR B 51 19.69 2.23 36.42
N LEU B 52 20.77 1.86 35.72
CA LEU B 52 20.62 1.24 34.40
C LEU B 52 19.90 -0.10 34.51
N CYS B 53 20.26 -0.90 35.52
CA CYS B 53 19.55 -2.15 35.74
C CYS B 53 18.09 -1.90 36.09
N MET B 54 17.85 -1.00 37.06
CA MET B 54 16.48 -0.68 37.46
C MET B 54 15.62 -0.28 36.26
N ALA B 55 16.22 0.44 35.30
CA ALA B 55 15.47 0.83 34.12
C ALA B 55 15.26 -0.36 33.19
N GLU B 56 16.28 -1.21 33.01
CA GLU B 56 16.15 -2.34 32.12
C GLU B 56 15.20 -3.40 32.66
N LYS B 57 15.15 -3.56 33.99
CA LYS B 57 14.26 -4.56 34.58
C LYS B 57 12.80 -4.26 34.24
N THR B 58 12.40 -3.00 34.32
CA THR B 58 11.02 -2.61 34.04
C THR B 58 10.75 -2.35 32.57
N LEU B 59 11.78 -2.03 31.78
CA LEU B 59 11.58 -1.72 30.37
C LEU B 59 11.12 -2.94 29.58
N VAL B 60 11.28 -4.14 30.12
CA VAL B 60 10.78 -5.36 29.46
C VAL B 60 9.39 -5.61 30.04
N ALA B 61 8.40 -4.93 29.45
CA ALA B 61 7.02 -5.05 29.89
C ALA B 61 6.37 -6.29 29.28
N THR B 84 19.92 3.57 16.75
CA THR B 84 19.21 2.62 15.90
C THR B 84 18.13 1.90 16.71
N SER B 85 17.01 1.62 16.06
CA SER B 85 15.89 0.91 16.69
C SER B 85 14.88 0.56 15.62
N VAL B 86 14.20 -0.57 15.80
CA VAL B 86 13.16 -0.97 14.85
C VAL B 86 12.03 0.05 14.82
N GLU B 87 11.72 0.64 15.98
CA GLU B 87 10.68 1.64 16.04
C GLU B 87 11.13 2.97 15.44
N THR B 88 12.37 3.39 15.73
CA THR B 88 12.89 4.63 15.16
C THR B 88 12.98 4.55 13.64
N VAL B 89 13.40 3.39 13.12
CA VAL B 89 13.48 3.20 11.67
C VAL B 89 12.08 3.22 11.07
N THR B 90 11.10 2.62 11.75
CA THR B 90 9.74 2.63 11.26
C THR B 90 9.17 4.04 11.23
N GLU B 91 9.45 4.83 12.27
CA GLU B 91 9.01 6.24 12.27
C GLU B 91 9.62 6.99 11.10
N LEU B 92 10.92 6.79 10.84
CA LEU B 92 11.56 7.47 9.73
C LEU B 92 11.01 7.01 8.39
N THR B 93 10.74 5.70 8.26
CA THR B 93 10.15 5.19 7.03
C THR B 93 8.75 5.74 6.82
N GLU B 94 7.93 5.76 7.87
CA GLU B 94 6.59 6.33 7.76
C GLU B 94 6.65 7.82 7.42
N PHE B 95 7.61 8.54 8.01
CA PHE B 95 7.79 9.94 7.67
C PHE B 95 8.17 10.10 6.20
N ALA B 96 9.12 9.29 5.73
CA ALA B 96 9.53 9.35 4.33
C ALA B 96 8.36 9.13 3.39
N LYS B 97 7.54 8.10 3.66
CA LYS B 97 6.42 7.81 2.78
C LYS B 97 5.46 8.98 2.66
N ALA B 98 5.37 9.81 3.70
CA ALA B 98 4.48 10.96 3.68
C ALA B 98 5.13 12.21 3.09
N ILE B 99 6.40 12.15 2.76
CA ILE B 99 7.03 13.27 2.02
C ILE B 99 6.49 13.28 0.60
N PRO B 100 5.99 14.42 0.10
CA PRO B 100 5.45 14.46 -1.25
C PRO B 100 6.48 14.04 -2.29
N GLY B 101 6.14 13.02 -3.08
CA GLY B 101 7.00 12.50 -4.12
C GLY B 101 7.65 11.17 -3.79
N PHE B 102 7.80 10.84 -2.50
CA PHE B 102 8.55 9.64 -2.11
C PHE B 102 7.79 8.37 -2.49
N ALA B 103 6.50 8.31 -2.17
CA ALA B 103 5.71 7.11 -2.45
C ALA B 103 5.62 6.80 -3.93
N ASN B 104 5.84 7.80 -4.80
CA ASN B 104 5.85 7.57 -6.24
C ASN B 104 7.18 7.05 -6.76
N LEU B 105 8.23 7.09 -5.94
CA LEU B 105 9.51 6.55 -6.35
C LEU B 105 9.42 5.04 -6.52
N ASP B 106 10.38 4.49 -7.26
CA ASP B 106 10.51 3.04 -7.35
C ASP B 106 10.80 2.45 -5.96
N LEU B 107 10.15 1.33 -5.66
CA LEU B 107 10.22 0.77 -4.31
C LEU B 107 11.65 0.46 -3.90
N ASN B 108 12.48 0.00 -4.83
CA ASN B 108 13.86 -0.29 -4.50
C ASN B 108 14.66 0.99 -4.26
N ASP B 109 14.28 2.08 -4.92
CA ASP B 109 14.91 3.37 -4.62
C ASP B 109 14.51 3.87 -3.24
N GLN B 110 13.23 3.68 -2.88
CA GLN B 110 12.79 4.02 -1.53
C GLN B 110 13.60 3.27 -0.48
N VAL B 111 13.84 1.98 -0.70
CA VAL B 111 14.66 1.20 0.22
C VAL B 111 16.08 1.73 0.23
N THR B 112 16.63 2.05 -0.94
CA THR B 112 18.00 2.56 -1.02
C THR B 112 18.13 3.89 -0.29
N LEU B 113 17.19 4.80 -0.52
CA LEU B 113 17.27 6.11 0.14
C LEU B 113 17.21 5.98 1.66
N LEU B 114 16.30 5.15 2.16
CA LEU B 114 16.21 4.93 3.59
C LEU B 114 17.42 4.18 4.14
N LYS B 115 17.94 3.21 3.38
CA LYS B 115 19.08 2.42 3.86
C LYS B 115 20.31 3.29 4.09
N TYR B 116 20.62 4.18 3.15
CA TYR B 116 21.83 4.98 3.23
C TYR B 116 21.63 6.31 3.95
N GLY B 117 20.42 6.63 4.38
CA GLY B 117 20.18 7.91 5.01
C GLY B 117 19.63 7.87 6.42
N VAL B 118 19.21 6.68 6.87
CA VAL B 118 18.51 6.58 8.16
C VAL B 118 19.43 7.00 9.31
N TYR B 119 20.71 6.62 9.24
CA TYR B 119 21.64 6.96 10.32
C TYR B 119 21.90 8.46 10.38
N GLU B 120 22.06 9.11 9.22
CA GLU B 120 22.25 10.55 9.21
C GLU B 120 21.04 11.26 9.81
N ALA B 121 19.84 10.77 9.52
CA ALA B 121 18.64 11.38 10.06
C ALA B 121 18.49 11.11 11.55
N ILE B 122 18.85 9.89 11.99
CA ILE B 122 18.74 9.55 13.40
C ILE B 122 19.63 10.43 14.25
N PHE B 123 20.90 10.58 13.85
CA PHE B 123 21.82 11.41 14.63
C PHE B 123 21.46 12.88 14.56
N ALA B 124 20.88 13.33 13.43
CA ALA B 124 20.40 14.70 13.34
C ALA B 124 19.30 14.96 14.36
N MET B 125 18.30 14.08 14.39
CA MET B 125 17.19 14.25 15.32
C MET B 125 17.58 13.90 16.76
N LEU B 126 18.68 13.16 16.96
CA LEU B 126 19.16 12.88 18.30
C LEU B 126 19.52 14.17 19.05
N SER B 127 19.97 15.19 18.33
CA SER B 127 20.31 16.45 18.97
C SER B 127 19.10 17.07 19.67
N SER B 128 17.90 16.83 19.15
CA SER B 128 16.69 17.38 19.78
C SER B 128 16.51 16.85 21.19
N VAL B 129 17.05 15.67 21.48
CA VAL B 129 16.80 14.97 22.73
C VAL B 129 18.00 15.04 23.68
N MET B 130 19.02 15.82 23.33
CA MET B 130 20.27 15.89 24.08
C MET B 130 20.51 17.28 24.65
N ASN B 131 21.18 17.33 25.81
CA ASN B 131 21.86 18.54 26.26
C ASN B 131 23.27 18.18 26.70
N LYS B 132 24.01 19.14 27.26
CA LYS B 132 25.42 18.89 27.56
C LYS B 132 25.61 17.87 28.69
N ASP B 133 24.56 17.48 29.40
CA ASP B 133 24.69 16.56 30.51
C ASP B 133 24.12 15.17 30.23
N GLY B 134 23.31 15.01 29.19
CA GLY B 134 22.78 13.70 28.87
C GLY B 134 21.72 13.78 27.79
N MET B 135 21.01 12.68 27.62
CA MET B 135 19.97 12.56 26.62
C MET B 135 18.77 11.82 27.19
N LEU B 136 17.58 12.19 26.73
CA LEU B 136 16.37 11.47 27.11
C LEU B 136 16.29 10.14 26.38
N VAL B 137 15.73 9.14 27.06
CA VAL B 137 15.45 7.83 26.47
C VAL B 137 14.05 7.40 26.89
N ALA B 138 13.58 6.31 26.28
CA ALA B 138 12.30 5.68 26.62
C ALA B 138 11.15 6.69 26.52
N TYR B 139 11.05 7.35 25.37
CA TYR B 139 9.96 8.26 25.07
C TYR B 139 9.92 9.43 26.06
N GLY B 140 11.09 9.91 26.46
CA GLY B 140 11.20 11.01 27.38
C GLY B 140 11.05 10.66 28.84
N ASN B 141 10.75 9.40 29.17
CA ASN B 141 10.60 9.00 30.56
C ASN B 141 11.93 8.78 31.26
N GLY B 142 13.01 8.55 30.50
CA GLY B 142 14.32 8.32 31.07
C GLY B 142 15.29 9.42 30.68
N PHE B 143 16.43 9.43 31.37
CA PHE B 143 17.49 10.39 31.08
C PHE B 143 18.80 9.74 31.51
N ILE B 144 19.56 9.25 30.54
CA ILE B 144 20.85 8.63 30.80
C ILE B 144 21.93 9.71 30.74
N THR B 145 22.83 9.69 31.71
CA THR B 145 23.81 10.75 31.86
C THR B 145 24.93 10.61 30.83
N ARG B 146 25.41 11.75 30.34
CA ARG B 146 26.57 11.76 29.48
C ARG B 146 27.80 11.19 30.19
N GLU B 147 27.91 11.43 31.50
CA GLU B 147 29.06 10.94 32.25
C GLU B 147 29.00 9.42 32.44
N PHE B 148 27.82 8.87 32.71
CA PHE B 148 27.71 7.43 32.89
C PHE B 148 28.07 6.68 31.61
N LEU B 149 27.67 7.23 30.45
CA LEU B 149 28.09 6.66 29.18
C LEU B 149 29.59 6.86 28.95
N LYS B 150 30.10 8.03 29.34
CA LYS B 150 31.52 8.34 29.12
C LYS B 150 32.43 7.47 29.99
N SER B 151 31.92 6.96 31.11
CA SER B 151 32.69 6.14 32.03
C SER B 151 32.42 4.65 31.85
N LEU B 152 31.90 4.24 30.70
CA LEU B 152 31.58 2.84 30.46
C LEU B 152 32.83 2.08 30.03
N ARG B 153 32.68 0.77 29.84
CA ARG B 153 33.80 -0.07 29.45
C ARG B 153 34.14 0.16 27.97
N LYS B 154 35.38 0.52 27.70
CA LYS B 154 35.82 0.74 26.33
C LYS B 154 35.61 -0.53 25.50
N PRO B 155 35.18 -0.41 24.23
CA PRO B 155 35.00 0.81 23.43
C PRO B 155 33.63 1.47 23.57
N PHE B 156 32.76 0.95 24.45
CA PHE B 156 31.41 1.48 24.55
C PHE B 156 31.40 2.96 24.92
N CYS B 157 32.36 3.39 25.73
CA CYS B 157 32.45 4.79 26.14
C CYS B 157 32.86 5.72 25.00
N ASP B 158 33.04 5.19 23.79
CA ASP B 158 33.38 6.00 22.63
C ASP B 158 32.25 6.12 21.63
N ILE B 159 31.10 5.49 21.91
CA ILE B 159 30.01 5.44 20.94
C ILE B 159 29.20 6.72 20.96
N MET B 160 28.75 7.15 22.14
CA MET B 160 27.80 8.24 22.24
C MET B 160 28.44 9.61 22.36
N GLU B 161 29.67 9.70 22.86
CA GLU B 161 30.30 11.01 23.03
C GLU B 161 30.44 11.79 21.73
N PRO B 162 30.81 11.21 20.59
CA PRO B 162 30.81 12.00 19.34
C PRO B 162 29.45 12.56 18.98
N LYS B 163 28.37 11.90 19.38
CA LYS B 163 27.03 12.41 19.09
C LYS B 163 26.70 13.63 19.96
N PHE B 164 27.06 13.59 21.24
CA PHE B 164 26.94 14.77 22.08
C PHE B 164 27.76 15.92 21.51
N ASP B 165 28.94 15.60 20.98
CA ASP B 165 29.80 16.62 20.37
C ASP B 165 29.09 17.30 19.22
N PHE B 166 28.50 16.51 18.31
CA PHE B 166 27.76 17.08 17.19
C PHE B 166 26.53 17.84 17.68
N ALA B 167 25.80 17.28 18.63
CA ALA B 167 24.54 17.87 19.07
C ALA B 167 24.73 19.26 19.65
N MET B 168 25.84 19.50 20.35
CA MET B 168 26.04 20.82 20.96
C MET B 168 26.24 21.88 19.90
N LYS B 169 27.04 21.59 18.86
CA LYS B 169 27.20 22.55 17.77
C LYS B 169 25.95 22.63 16.92
N PHE B 170 25.15 21.58 16.89
CA PHE B 170 23.94 21.56 16.07
C PHE B 170 22.78 22.27 16.78
N ASN B 171 22.60 21.99 18.07
CA ASN B 171 21.55 22.65 18.83
C ASN B 171 21.81 24.15 18.98
N ALA B 172 23.06 24.57 18.87
CA ALA B 172 23.38 26.00 18.92
C ALA B 172 22.83 26.76 17.73
N LEU B 173 22.48 26.06 16.65
CA LEU B 173 21.86 26.73 15.51
C LEU B 173 20.40 27.08 15.79
N GLU B 174 19.82 26.55 16.88
CA GLU B 174 18.48 26.93 17.33
C GLU B 174 17.43 26.67 16.25
N LEU B 175 17.50 25.49 15.65
CA LEU B 175 16.45 25.06 14.73
C LEU B 175 15.25 24.56 15.51
N ASP B 176 14.06 24.82 14.99
CA ASP B 176 12.85 24.27 15.57
C ASP B 176 12.42 23.04 14.76
N ASP B 177 11.29 22.46 15.15
CA ASP B 177 10.84 21.21 14.52
C ASP B 177 10.54 21.39 13.05
N SER B 178 10.04 22.56 12.64
CA SER B 178 9.78 22.80 11.23
C SER B 178 11.08 22.83 10.42
N ASP B 179 12.14 23.41 11.00
CA ASP B 179 13.44 23.40 10.33
C ASP B 179 13.96 21.97 10.21
N ILE B 180 13.91 21.21 11.31
CA ILE B 180 14.42 19.85 11.31
C ILE B 180 13.67 18.97 10.33
N SER B 181 12.36 19.20 10.17
CA SER B 181 11.56 18.39 9.25
C SER B 181 12.06 18.56 7.82
N LEU B 182 12.31 19.80 7.40
CA LEU B 182 12.87 20.04 6.07
C LEU B 182 14.28 19.48 5.97
N PHE B 183 15.05 19.54 7.06
CA PHE B 183 16.43 19.08 7.04
C PHE B 183 16.49 17.56 6.89
N VAL B 184 15.68 16.84 7.65
CA VAL B 184 15.66 15.38 7.56
C VAL B 184 15.13 14.94 6.20
N ALA B 185 14.15 15.68 5.66
CA ALA B 185 13.66 15.38 4.31
C ALA B 185 14.77 15.48 3.28
N ALA B 186 15.61 16.51 3.39
CA ALA B 186 16.71 16.68 2.44
C ALA B 186 17.77 15.60 2.62
N ILE B 187 17.91 15.07 3.83
CA ILE B 187 18.88 14.01 4.08
C ILE B 187 18.44 12.71 3.41
N ILE B 188 17.15 12.40 3.47
CA ILE B 188 16.65 11.14 2.94
C ILE B 188 16.57 11.17 1.41
N CYS B 189 16.05 12.27 0.85
CA CYS B 189 15.78 12.36 -0.58
C CYS B 189 16.96 13.01 -1.30
N CYS B 190 18.04 12.25 -1.46
CA CYS B 190 19.18 12.74 -2.22
C CYS B 190 19.65 11.69 -3.22
N GLY B 191 20.04 12.15 -4.40
CA GLY B 191 20.53 11.29 -5.47
C GLY B 191 21.94 10.79 -5.31
N ASP B 192 22.60 11.16 -4.20
CA ASP B 192 23.98 10.73 -3.96
C ASP B 192 24.07 9.23 -3.69
N ARG B 193 22.98 8.61 -3.23
CA ARG B 193 23.08 7.26 -2.70
C ARG B 193 23.43 6.28 -3.82
N PRO B 194 24.24 5.26 -3.54
CA PRO B 194 24.67 4.35 -4.61
C PRO B 194 23.56 3.39 -5.02
N GLY B 195 23.55 3.08 -6.32
CA GLY B 195 22.63 2.10 -6.85
C GLY B 195 21.22 2.57 -7.13
N LEU B 196 21.00 3.88 -7.17
CA LEU B 196 19.67 4.41 -7.43
C LEU B 196 19.32 4.25 -8.91
N LEU B 197 18.11 3.75 -9.18
CA LEU B 197 17.65 3.62 -10.55
C LEU B 197 17.32 4.99 -11.14
N ASN B 198 16.56 5.80 -10.41
CA ASN B 198 16.08 7.09 -10.91
C ASN B 198 16.84 8.21 -10.22
N VAL B 199 18.13 8.33 -10.56
CA VAL B 199 18.99 9.34 -9.94
C VAL B 199 18.51 10.74 -10.28
N GLY B 200 18.27 11.01 -11.58
CA GLY B 200 17.87 12.34 -11.99
C GLY B 200 16.56 12.79 -11.35
N HIS B 201 15.60 11.87 -11.25
CA HIS B 201 14.32 12.21 -10.62
C HIS B 201 14.50 12.55 -9.15
N ILE B 202 15.34 11.80 -8.44
CA ILE B 202 15.56 12.06 -7.02
C ILE B 202 16.37 13.34 -6.84
N GLU B 203 17.30 13.64 -7.75
CA GLU B 203 18.00 14.91 -7.70
C GLU B 203 17.04 16.08 -7.82
N LYS B 204 16.10 16.00 -8.77
CA LYS B 204 15.08 17.04 -8.89
C LYS B 204 14.22 17.12 -7.63
N MET B 205 14.00 15.98 -6.97
CA MET B 205 13.23 15.97 -5.73
C MET B 205 13.96 16.72 -4.63
N GLN B 206 15.28 16.53 -4.52
CA GLN B 206 16.03 17.22 -3.47
C GLN B 206 16.08 18.72 -3.72
N GLU B 207 16.21 19.12 -4.98
CA GLU B 207 16.26 20.55 -5.29
C GLU B 207 15.00 21.26 -4.82
N GLY B 208 13.84 20.61 -5.00
CA GLY B 208 12.61 21.20 -4.48
C GLY B 208 12.61 21.29 -2.96
N ILE B 209 13.15 20.28 -2.28
CA ILE B 209 13.21 20.29 -0.83
C ILE B 209 14.23 21.32 -0.35
N VAL B 210 15.40 21.38 -1.00
CA VAL B 210 16.44 22.31 -0.57
C VAL B 210 16.03 23.75 -0.84
N HIS B 211 15.36 24.00 -1.95
CA HIS B 211 14.86 25.34 -2.25
C HIS B 211 13.84 25.79 -1.21
N VAL B 212 12.91 24.90 -0.84
CA VAL B 212 11.94 25.21 0.20
C VAL B 212 12.63 25.34 1.55
N LEU B 213 13.69 24.57 1.79
CA LEU B 213 14.48 24.74 3.01
C LEU B 213 15.10 26.13 3.07
N ARG B 214 15.70 26.58 1.97
CA ARG B 214 16.38 27.88 1.96
C ARG B 214 15.41 29.00 2.28
N LEU B 215 14.26 29.03 1.60
CA LEU B 215 13.28 30.08 1.86
C LEU B 215 12.76 30.02 3.29
N HIS B 216 12.54 28.82 3.81
CA HIS B 216 12.01 28.68 5.17
C HIS B 216 13.00 29.21 6.20
N LEU B 217 14.28 28.89 6.03
CA LEU B 217 15.31 29.43 6.93
C LEU B 217 15.46 30.93 6.76
N GLN B 218 15.24 31.43 5.54
CA GLN B 218 15.46 32.84 5.25
C GLN B 218 14.41 33.73 5.91
N SER B 219 13.19 33.22 6.09
CA SER B 219 12.13 34.01 6.70
C SER B 219 11.94 33.70 8.18
N ASN B 220 12.35 32.51 8.64
CA ASN B 220 12.19 32.14 10.04
C ASN B 220 13.44 32.36 10.87
N HIS B 221 14.60 32.47 10.23
CA HIS B 221 15.84 32.86 10.92
C HIS B 221 16.48 34.02 10.16
N PRO B 222 15.78 35.16 10.06
CA PRO B 222 16.33 36.28 9.26
C PRO B 222 17.55 36.93 9.87
N ASP B 223 17.90 36.60 11.12
CA ASP B 223 19.10 37.15 11.74
C ASP B 223 20.29 36.18 11.69
N ASP B 224 20.07 34.94 11.25
CA ASP B 224 21.15 34.00 10.98
C ASP B 224 21.23 33.81 9.47
N ILE B 225 21.68 34.86 8.78
CA ILE B 225 21.57 34.92 7.33
C ILE B 225 22.41 33.87 6.61
N PHE B 226 23.35 33.22 7.31
CA PHE B 226 24.13 32.14 6.74
C PHE B 226 23.78 30.79 7.37
N LEU B 227 22.55 30.66 7.89
CA LEU B 227 22.13 29.39 8.49
C LEU B 227 22.16 28.27 7.46
N PHE B 228 21.72 28.55 6.23
CA PHE B 228 21.65 27.50 5.22
C PHE B 228 23.03 26.94 4.85
N PRO B 229 24.03 27.76 4.53
CA PRO B 229 25.38 27.17 4.34
C PRO B 229 25.92 26.49 5.58
N LYS B 230 25.60 27.00 6.77
CA LYS B 230 25.98 26.28 7.99
C LYS B 230 25.33 24.91 8.04
N LEU B 231 24.08 24.81 7.60
CA LEU B 231 23.39 23.52 7.64
C LEU B 231 23.89 22.58 6.56
N LEU B 232 24.26 23.10 5.39
CA LEU B 232 24.88 22.26 4.37
C LEU B 232 26.15 21.61 4.91
N GLN B 233 26.94 22.36 5.68
CA GLN B 233 28.13 21.79 6.30
C GLN B 233 27.76 20.76 7.37
N LYS B 234 26.64 20.96 8.06
CA LYS B 234 26.19 19.98 9.04
C LYS B 234 25.80 18.67 8.39
N MET B 235 25.23 18.72 7.18
CA MET B 235 24.95 17.49 6.45
C MET B 235 26.22 16.72 6.18
N ALA B 236 27.28 17.41 5.74
CA ALA B 236 28.55 16.73 5.50
C ALA B 236 29.13 16.19 6.80
N ASP B 237 29.02 16.94 7.89
CA ASP B 237 29.49 16.46 9.18
C ASP B 237 28.73 15.21 9.62
N LEU B 238 27.47 15.09 9.23
CA LEU B 238 26.68 13.92 9.61
C LEU B 238 27.17 12.66 8.89
N ARG B 239 27.58 12.80 7.64
CA ARG B 239 28.08 11.63 6.91
C ARG B 239 29.39 11.15 7.51
N GLN B 240 30.24 12.06 7.96
CA GLN B 240 31.45 11.67 8.69
C GLN B 240 31.08 10.99 10.00
N LEU B 241 30.10 11.53 10.71
CA LEU B 241 29.65 10.93 11.96
C LEU B 241 29.12 9.52 11.73
N VAL B 242 28.47 9.29 10.59
CA VAL B 242 27.96 7.95 10.28
C VAL B 242 29.11 7.03 9.89
N THR B 243 30.11 7.55 9.19
CA THR B 243 31.29 6.75 8.86
C THR B 243 32.02 6.30 10.12
N GLU B 244 32.34 7.25 11.00
CA GLU B 244 33.04 6.92 12.24
C GLU B 244 32.21 5.99 13.11
N HIS B 245 30.88 6.13 13.07
CA HIS B 245 30.02 5.22 13.82
C HIS B 245 30.06 3.80 13.26
N ALA B 246 30.23 3.67 11.94
CA ALA B 246 30.27 2.35 11.33
C ALA B 246 31.54 1.61 11.69
N GLN B 247 32.69 2.27 11.58
CA GLN B 247 33.96 1.63 11.96
C GLN B 247 34.08 1.46 13.47
N LEU B 248 33.37 2.26 14.25
CA LEU B 248 33.33 2.04 15.70
C LEU B 248 32.52 0.78 16.03
N VAL B 249 31.45 0.52 15.26
CA VAL B 249 30.64 -0.66 15.51
C VAL B 249 31.38 -1.93 15.12
N GLN B 250 32.20 -1.85 14.06
CA GLN B 250 32.94 -3.03 13.61
C GLN B 250 33.89 -3.55 14.69
N ILE B 251 34.39 -2.67 15.55
CA ILE B 251 35.26 -3.09 16.65
C ILE B 251 34.39 -3.49 17.84
N ILE B 252 33.40 -4.34 17.60
CA ILE B 252 32.55 -4.88 18.65
C ILE B 252 32.21 -6.33 18.32
N ASP C 7 -8.08 18.13 -3.13
CA ASP C 7 -8.55 16.85 -2.61
C ASP C 7 -9.78 16.36 -3.35
N LEU C 8 -10.95 16.84 -2.93
CA LEU C 8 -12.20 16.44 -3.58
C LEU C 8 -12.31 16.93 -5.00
N LYS C 9 -11.46 17.86 -5.43
CA LYS C 9 -11.41 18.28 -6.82
C LYS C 9 -10.49 17.40 -7.66
N SER C 10 -9.39 16.93 -7.08
CA SER C 10 -8.51 16.00 -7.77
C SER C 10 -8.98 14.56 -7.67
N LEU C 11 -10.12 14.30 -7.02
CA LEU C 11 -10.59 12.93 -6.84
C LEU C 11 -10.94 12.29 -8.17
N ALA C 12 -11.65 13.01 -9.04
CA ALA C 12 -12.06 12.43 -10.31
C ALA C 12 -10.86 12.10 -11.18
N LYS C 13 -9.89 13.02 -11.26
CA LYS C 13 -8.71 12.77 -12.08
C LYS C 13 -7.84 11.68 -11.47
N ARG C 14 -7.71 11.66 -10.14
CA ARG C 14 -6.89 10.65 -9.49
C ARG C 14 -7.50 9.25 -9.66
N ILE C 15 -8.82 9.16 -9.64
CA ILE C 15 -9.48 7.87 -9.84
C ILE C 15 -9.40 7.45 -11.30
N TYR C 16 -9.54 8.40 -12.22
CA TYR C 16 -9.42 8.10 -13.65
C TYR C 16 -8.02 7.61 -13.99
N GLU C 17 -6.99 8.27 -13.45
CA GLU C 17 -5.61 7.83 -13.70
C GLU C 17 -5.38 6.41 -13.20
N ALA C 18 -5.95 6.08 -12.04
CA ALA C 18 -5.82 4.73 -11.51
C ALA C 18 -6.52 3.71 -12.41
N TYR C 19 -7.66 4.10 -12.98
CA TYR C 19 -8.37 3.24 -13.92
C TYR C 19 -7.52 2.99 -15.16
N LEU C 20 -6.92 4.05 -15.71
CA LEU C 20 -6.10 3.90 -16.90
C LEU C 20 -4.81 3.12 -16.61
N LYS C 21 -4.33 3.17 -15.36
CA LYS C 21 -3.05 2.57 -15.03
C LYS C 21 -3.14 1.08 -14.75
N ASN C 22 -4.29 0.58 -14.31
CA ASN C 22 -4.37 -0.78 -13.79
C ASN C 22 -5.22 -1.73 -14.61
N PHE C 23 -5.98 -1.26 -15.59
CA PHE C 23 -6.80 -2.12 -16.44
C PHE C 23 -6.19 -2.17 -17.83
N ASN C 24 -5.85 -3.38 -18.27
N ASN C 24 -5.86 -3.37 -18.30
CA ASN C 24 -5.28 -3.54 -19.62
CA ASN C 24 -5.26 -3.50 -19.63
C ASN C 24 -6.29 -3.17 -20.69
C ASN C 24 -6.28 -3.23 -20.73
N MET C 25 -7.54 -3.57 -20.51
CA MET C 25 -8.60 -3.30 -21.47
C MET C 25 -9.53 -2.23 -20.90
N ASN C 26 -9.76 -1.18 -21.70
CA ASN C 26 -10.76 -0.19 -21.33
C ASN C 26 -11.74 -0.01 -22.48
N LYS C 27 -12.64 0.98 -22.38
CA LYS C 27 -13.68 1.11 -23.38
C LYS C 27 -13.15 1.71 -24.68
N VAL C 28 -12.14 2.58 -24.60
CA VAL C 28 -11.57 3.17 -25.80
C VAL C 28 -10.92 2.09 -26.67
N LYS C 29 -10.06 1.27 -26.07
CA LYS C 29 -9.44 0.17 -26.81
C LYS C 29 -10.50 -0.80 -27.34
N ALA C 30 -11.45 -1.18 -26.49
CA ALA C 30 -12.43 -2.20 -26.86
C ALA C 30 -13.31 -1.72 -28.02
N ARG C 31 -13.79 -0.48 -27.96
CA ARG C 31 -14.67 0.00 -29.01
C ARG C 31 -13.94 0.13 -30.36
N VAL C 32 -12.64 0.40 -30.32
CA VAL C 32 -11.85 0.36 -31.55
C VAL C 32 -11.75 -1.07 -32.08
N ILE C 33 -11.47 -2.03 -31.20
CA ILE C 33 -11.34 -3.41 -31.64
C ILE C 33 -12.69 -3.95 -32.11
N LEU C 34 -13.76 -3.68 -31.37
CA LEU C 34 -15.09 -4.15 -31.71
C LEU C 34 -15.58 -3.57 -33.04
N SER C 35 -14.85 -3.88 -34.11
CA SER C 35 -15.02 -3.24 -35.41
C SER C 35 -14.91 -1.73 -35.32
N GLY C 36 -15.03 -1.06 -36.46
CA GLY C 36 -14.34 0.20 -36.63
C GLY C 36 -12.90 -0.13 -36.98
N LYS C 37 -12.19 0.70 -37.73
CA LYS C 37 -10.92 0.27 -38.28
C LYS C 37 -9.77 1.18 -37.84
N ALA C 38 -9.12 0.79 -36.75
CA ALA C 38 -7.70 1.08 -36.55
C ALA C 38 -7.00 -0.26 -36.72
N SER C 39 -6.23 -0.40 -37.81
CA SER C 39 -5.78 -1.66 -38.38
C SER C 39 -6.97 -2.46 -38.92
N ASN C 40 -6.71 -3.34 -39.90
CA ASN C 40 -7.75 -4.12 -40.55
C ASN C 40 -7.68 -5.61 -40.19
N ASN C 41 -7.03 -5.95 -39.08
CA ASN C 41 -6.91 -7.34 -38.64
C ASN C 41 -7.94 -7.62 -37.55
N PRO C 42 -9.11 -8.16 -37.88
CA PRO C 42 -10.15 -8.37 -36.86
C PRO C 42 -9.77 -9.48 -35.90
N PRO C 43 -10.41 -9.54 -34.74
CA PRO C 43 -10.12 -10.63 -33.81
C PRO C 43 -10.60 -11.97 -34.35
N PHE C 44 -10.00 -13.03 -33.80
CA PHE C 44 -10.37 -14.39 -34.17
C PHE C 44 -11.76 -14.71 -33.64
N VAL C 45 -12.67 -15.08 -34.54
CA VAL C 45 -14.07 -15.28 -34.17
C VAL C 45 -14.26 -16.69 -33.63
N ILE C 46 -14.94 -16.79 -32.49
CA ILE C 46 -15.25 -18.06 -31.85
C ILE C 46 -16.76 -18.24 -31.94
N HIS C 47 -17.21 -19.10 -32.86
CA HIS C 47 -18.63 -19.28 -33.09
C HIS C 47 -19.09 -20.74 -33.12
N ASP C 48 -18.19 -21.72 -33.13
CA ASP C 48 -18.55 -23.12 -33.09
C ASP C 48 -17.59 -23.86 -32.18
N MET C 49 -17.75 -25.18 -32.10
CA MET C 49 -16.87 -25.97 -31.25
C MET C 49 -15.46 -26.06 -31.84
N GLU C 50 -15.35 -26.06 -33.17
CA GLU C 50 -14.04 -26.13 -33.81
C GLU C 50 -13.21 -24.89 -33.49
N THR C 51 -13.75 -23.70 -33.78
CA THR C 51 -13.02 -22.47 -33.50
C THR C 51 -12.75 -22.31 -32.02
N LEU C 52 -13.64 -22.81 -31.17
CA LEU C 52 -13.40 -22.78 -29.73
C LEU C 52 -12.21 -23.65 -29.35
N CYS C 53 -11.99 -24.76 -30.06
CA CYS C 53 -10.90 -25.66 -29.71
C CYS C 53 -9.54 -25.07 -30.08
N MET C 54 -9.40 -24.61 -31.32
CA MET C 54 -8.14 -23.99 -31.72
C MET C 54 -7.85 -22.73 -30.91
N ALA C 55 -8.89 -22.06 -30.42
CA ALA C 55 -8.68 -20.93 -29.52
C ALA C 55 -8.14 -21.40 -28.18
N GLU C 56 -8.78 -22.41 -27.58
CA GLU C 56 -8.29 -22.95 -26.32
C GLU C 56 -6.93 -23.63 -26.48
N LYS C 57 -6.66 -24.17 -27.66
CA LYS C 57 -5.40 -24.87 -27.89
C LYS C 57 -4.21 -23.91 -27.82
N THR C 58 -4.25 -22.86 -28.65
CA THR C 58 -3.13 -21.92 -28.68
C THR C 58 -3.10 -20.99 -27.48
N LEU C 59 -4.21 -20.87 -26.76
CA LEU C 59 -4.23 -20.00 -25.57
C LEU C 59 -3.29 -20.53 -24.50
N VAL C 60 -3.04 -21.84 -24.48
CA VAL C 60 -2.05 -22.42 -23.58
C VAL C 60 -0.66 -22.02 -24.07
N ALA C 61 -0.18 -20.87 -23.63
CA ALA C 61 1.11 -20.35 -24.06
C ALA C 61 1.65 -19.36 -23.02
N SER C 85 -9.17 -15.14 -14.45
CA SER C 85 -9.89 -14.51 -13.35
C SER C 85 -8.93 -13.89 -12.34
N VAL C 86 -7.73 -14.49 -12.24
CA VAL C 86 -6.72 -13.95 -11.32
C VAL C 86 -6.25 -12.58 -11.79
N GLU C 87 -6.17 -12.38 -13.10
CA GLU C 87 -5.78 -11.07 -13.63
C GLU C 87 -6.83 -10.01 -13.33
N THR C 88 -8.10 -10.34 -13.57
CA THR C 88 -9.16 -9.36 -13.41
C THR C 88 -9.32 -8.94 -11.95
N VAL C 89 -9.20 -9.89 -11.02
CA VAL C 89 -9.32 -9.56 -9.61
C VAL C 89 -8.12 -8.74 -9.15
N THR C 90 -6.93 -9.05 -9.66
CA THR C 90 -5.74 -8.30 -9.28
C THR C 90 -5.82 -6.85 -9.76
N GLU C 91 -6.29 -6.64 -11.00
CA GLU C 91 -6.41 -5.29 -11.52
C GLU C 91 -7.37 -4.45 -10.69
N LEU C 92 -8.53 -5.03 -10.35
CA LEU C 92 -9.47 -4.33 -9.48
C LEU C 92 -8.87 -4.07 -8.10
N THR C 93 -8.08 -5.03 -7.60
CA THR C 93 -7.42 -4.84 -6.31
C THR C 93 -6.40 -3.70 -6.38
N GLU C 94 -5.56 -3.71 -7.42
CA GLU C 94 -4.58 -2.65 -7.57
C GLU C 94 -5.25 -1.31 -7.87
N PHE C 95 -6.36 -1.32 -8.60
CA PHE C 95 -7.11 -0.09 -8.83
C PHE C 95 -7.72 0.42 -7.52
N ALA C 96 -8.24 -0.48 -6.70
CA ALA C 96 -8.84 -0.07 -5.43
C ALA C 96 -7.81 0.55 -4.51
N LYS C 97 -6.59 0.01 -4.48
CA LYS C 97 -5.55 0.56 -3.62
C LYS C 97 -5.20 1.99 -4.00
N ALA C 98 -5.41 2.36 -5.26
CA ALA C 98 -5.10 3.70 -5.72
C ALA C 98 -6.26 4.69 -5.54
N ILE C 99 -7.42 4.22 -5.10
CA ILE C 99 -8.50 5.16 -4.76
C ILE C 99 -8.12 5.89 -3.48
N PRO C 100 -8.19 7.22 -3.46
CA PRO C 100 -7.78 7.96 -2.26
C PRO C 100 -8.61 7.55 -1.04
N GLY C 101 -7.92 7.07 -0.01
CA GLY C 101 -8.54 6.65 1.22
C GLY C 101 -8.68 5.16 1.39
N PHE C 102 -8.68 4.40 0.30
CA PHE C 102 -8.89 2.96 0.39
C PHE C 102 -7.74 2.27 1.12
N ALA C 103 -6.50 2.72 0.89
CA ALA C 103 -5.36 2.13 1.57
C ALA C 103 -5.29 2.54 3.03
N ASN C 104 -5.95 3.62 3.42
CA ASN C 104 -5.99 4.02 4.82
C ASN C 104 -6.96 3.19 5.64
N LEU C 105 -7.88 2.48 5.00
CA LEU C 105 -8.77 1.57 5.70
C LEU C 105 -8.00 0.37 6.23
N ASP C 106 -8.60 -0.30 7.22
CA ASP C 106 -8.00 -1.51 7.75
C ASP C 106 -7.96 -2.60 6.69
N LEU C 107 -6.97 -3.49 6.81
CA LEU C 107 -6.77 -4.52 5.79
C LEU C 107 -8.01 -5.39 5.62
N ASN C 108 -8.69 -5.72 6.72
CA ASN C 108 -9.88 -6.56 6.63
C ASN C 108 -11.01 -5.84 5.92
N ASP C 109 -11.15 -4.54 6.15
CA ASP C 109 -12.15 -3.78 5.43
C ASP C 109 -11.84 -3.73 3.94
N GLN C 110 -10.55 -3.59 3.59
CA GLN C 110 -10.16 -3.59 2.19
C GLN C 110 -10.49 -4.92 1.53
N VAL C 111 -10.23 -6.02 2.23
CA VAL C 111 -10.56 -7.34 1.69
C VAL C 111 -12.08 -7.52 1.63
N THR C 112 -12.79 -7.01 2.63
CA THR C 112 -14.24 -7.17 2.66
C THR C 112 -14.90 -6.39 1.52
N LEU C 113 -14.50 -5.13 1.32
CA LEU C 113 -15.05 -4.34 0.23
C LEU C 113 -14.77 -5.00 -1.11
N LEU C 114 -13.56 -5.53 -1.30
CA LEU C 114 -13.22 -6.16 -2.57
C LEU C 114 -13.88 -7.51 -2.73
N LYS C 115 -14.18 -8.20 -1.62
CA LYS C 115 -14.79 -9.53 -1.72
C LYS C 115 -16.23 -9.43 -2.23
N TYR C 116 -16.99 -8.45 -1.74
CA TYR C 116 -18.39 -8.34 -2.10
C TYR C 116 -18.64 -7.39 -3.26
N GLY C 117 -17.63 -6.70 -3.77
CA GLY C 117 -17.83 -5.75 -4.83
C GLY C 117 -17.20 -6.12 -6.15
N VAL C 118 -16.31 -7.11 -6.16
CA VAL C 118 -15.55 -7.43 -7.36
C VAL C 118 -16.47 -7.91 -8.48
N TYR C 119 -17.45 -8.75 -8.16
CA TYR C 119 -18.32 -9.30 -9.20
C TYR C 119 -19.19 -8.22 -9.82
N GLU C 120 -19.66 -7.27 -9.02
CA GLU C 120 -20.41 -6.15 -9.58
C GLU C 120 -19.53 -5.31 -10.50
N ALA C 121 -18.27 -5.09 -10.11
CA ALA C 121 -17.36 -4.30 -10.92
C ALA C 121 -16.96 -5.04 -12.19
N ILE C 122 -16.81 -6.36 -12.12
CA ILE C 122 -16.46 -7.13 -13.31
C ILE C 122 -17.57 -7.05 -14.35
N PHE C 123 -18.82 -7.21 -13.92
CA PHE C 123 -19.93 -7.17 -14.86
C PHE C 123 -20.21 -5.77 -15.36
N ALA C 124 -19.91 -4.74 -14.56
CA ALA C 124 -20.03 -3.37 -15.04
C ALA C 124 -19.05 -3.10 -16.18
N MET C 125 -17.77 -3.41 -15.95
CA MET C 125 -16.75 -3.16 -16.96
C MET C 125 -16.85 -4.14 -18.13
N LEU C 126 -17.46 -5.31 -17.92
CA LEU C 126 -17.63 -6.28 -18.99
C LEU C 126 -18.45 -5.70 -20.14
N SER C 127 -19.32 -4.74 -19.85
CA SER C 127 -20.10 -4.10 -20.91
C SER C 127 -19.19 -3.41 -21.93
N SER C 128 -18.02 -2.94 -21.48
CA SER C 128 -17.12 -2.21 -22.37
C SER C 128 -16.63 -3.07 -23.53
N VAL C 129 -16.62 -4.40 -23.36
CA VAL C 129 -16.12 -5.31 -24.39
C VAL C 129 -17.26 -6.10 -25.03
N MET C 130 -18.50 -5.64 -24.89
CA MET C 130 -19.66 -6.33 -25.45
C MET C 130 -20.39 -5.44 -26.44
N ASN C 131 -20.85 -6.05 -27.53
CA ASN C 131 -21.85 -5.45 -28.38
C ASN C 131 -23.02 -6.45 -28.49
N LYS C 132 -23.95 -6.16 -29.40
CA LYS C 132 -25.16 -6.97 -29.50
C LYS C 132 -24.91 -8.38 -30.01
N ASP C 133 -23.72 -8.66 -30.57
CA ASP C 133 -23.46 -9.95 -31.21
C ASP C 133 -22.42 -10.80 -30.49
N GLY C 134 -21.64 -10.23 -29.58
CA GLY C 134 -20.64 -11.01 -28.88
C GLY C 134 -19.80 -10.13 -27.97
N MET C 135 -18.70 -10.71 -27.51
CA MET C 135 -17.82 -10.04 -26.57
C MET C 135 -16.37 -10.35 -26.89
N LEU C 136 -15.48 -9.46 -26.48
CA LEU C 136 -14.05 -9.66 -26.66
C LEU C 136 -13.50 -10.56 -25.56
N VAL C 137 -12.50 -11.37 -25.92
CA VAL C 137 -11.80 -12.21 -24.96
C VAL C 137 -10.32 -12.16 -25.29
N ALA C 138 -9.51 -12.58 -24.31
CA ALA C 138 -8.05 -12.69 -24.45
C ALA C 138 -7.43 -11.38 -24.92
N TYR C 139 -7.56 -10.35 -24.07
CA TYR C 139 -6.95 -9.03 -24.30
C TYR C 139 -7.39 -8.42 -25.63
N GLY C 140 -8.61 -8.72 -26.06
CA GLY C 140 -9.14 -8.18 -27.30
C GLY C 140 -8.76 -8.96 -28.55
N ASN C 141 -8.00 -10.05 -28.42
CA ASN C 141 -7.61 -10.84 -29.58
C ASN C 141 -8.72 -11.75 -30.06
N GLY C 142 -9.62 -12.17 -29.18
CA GLY C 142 -10.71 -13.04 -29.57
C GLY C 142 -12.06 -12.37 -29.47
N PHE C 143 -13.03 -12.89 -30.21
CA PHE C 143 -14.40 -12.38 -30.19
C PHE C 143 -15.34 -13.60 -30.22
N ILE C 144 -15.90 -13.94 -29.07
CA ILE C 144 -16.80 -15.08 -28.96
C ILE C 144 -18.23 -14.60 -29.15
N THR C 145 -18.94 -15.24 -30.07
CA THR C 145 -20.25 -14.75 -30.48
C THR C 145 -21.31 -15.03 -29.44
N ARG C 146 -22.28 -14.12 -29.35
CA ARG C 146 -23.38 -14.27 -28.39
C ARG C 146 -24.23 -15.48 -28.71
N GLU C 147 -24.40 -15.79 -30.01
CA GLU C 147 -25.23 -16.93 -30.39
C GLU C 147 -24.59 -18.25 -29.99
N PHE C 148 -23.28 -18.40 -30.23
CA PHE C 148 -22.60 -19.62 -29.82
C PHE C 148 -22.65 -19.82 -28.31
N LEU C 149 -22.73 -18.73 -27.55
CA LEU C 149 -22.84 -18.86 -26.10
C LEU C 149 -24.22 -19.36 -25.69
N LYS C 150 -25.28 -18.79 -26.27
CA LYS C 150 -26.63 -19.21 -25.92
C LYS C 150 -27.03 -20.51 -26.60
N SER C 151 -26.35 -20.89 -27.68
CA SER C 151 -26.59 -22.20 -28.29
C SER C 151 -25.88 -23.31 -27.55
N LEU C 152 -24.98 -22.99 -26.63
CA LEU C 152 -24.30 -23.99 -25.82
C LEU C 152 -25.32 -24.76 -24.97
N ARG C 153 -24.82 -25.82 -24.31
CA ARG C 153 -25.68 -26.71 -23.55
C ARG C 153 -26.33 -25.97 -22.37
N LYS C 154 -27.28 -26.65 -21.72
CA LYS C 154 -27.90 -26.14 -20.51
C LYS C 154 -27.20 -26.71 -19.29
N PRO C 155 -27.00 -25.91 -18.23
CA PRO C 155 -27.41 -24.50 -18.14
C PRO C 155 -26.31 -23.52 -18.53
N PHE C 156 -25.27 -24.03 -19.23
CA PHE C 156 -24.15 -23.17 -19.63
C PHE C 156 -24.63 -21.95 -20.41
N CYS C 157 -25.62 -22.14 -21.28
CA CYS C 157 -26.10 -21.05 -22.13
C CYS C 157 -26.81 -19.96 -21.36
N ASP C 158 -27.23 -20.22 -20.12
CA ASP C 158 -27.92 -19.24 -19.30
C ASP C 158 -26.99 -18.39 -18.46
N ILE C 159 -25.67 -18.61 -18.56
CA ILE C 159 -24.73 -17.87 -17.74
C ILE C 159 -24.48 -16.48 -18.30
N MET C 160 -24.19 -16.39 -19.60
CA MET C 160 -23.72 -15.14 -20.17
C MET C 160 -24.86 -14.26 -20.71
N GLU C 161 -25.99 -14.84 -21.07
CA GLU C 161 -27.08 -14.05 -21.64
C GLU C 161 -27.56 -12.92 -20.73
N PRO C 162 -27.73 -13.09 -19.42
CA PRO C 162 -28.09 -11.94 -18.58
C PRO C 162 -27.07 -10.82 -18.61
N LYS C 163 -25.79 -11.14 -18.87
CA LYS C 163 -24.76 -10.11 -18.90
C LYS C 163 -24.83 -9.31 -20.20
N PHE C 164 -25.10 -9.96 -21.32
CA PHE C 164 -25.34 -9.23 -22.56
C PHE C 164 -26.55 -8.33 -22.41
N ASP C 165 -27.61 -8.82 -21.74
CA ASP C 165 -28.81 -8.02 -21.53
C ASP C 165 -28.49 -6.75 -20.75
N PHE C 166 -27.70 -6.87 -19.68
CA PHE C 166 -27.31 -5.70 -18.90
C PHE C 166 -26.45 -4.75 -19.73
N ALA C 167 -25.53 -5.31 -20.51
CA ALA C 167 -24.56 -4.48 -21.23
C ALA C 167 -25.23 -3.58 -22.26
N MET C 168 -26.30 -4.06 -22.91
CA MET C 168 -26.93 -3.28 -23.95
C MET C 168 -27.60 -2.03 -23.39
N LYS C 169 -28.35 -2.18 -22.29
CA LYS C 169 -28.96 -1.01 -21.66
C LYS C 169 -27.90 -0.12 -21.03
N PHE C 170 -26.85 -0.73 -20.46
CA PHE C 170 -25.82 0.05 -19.78
C PHE C 170 -24.99 0.85 -20.77
N ASN C 171 -24.58 0.23 -21.88
CA ASN C 171 -23.83 0.94 -22.91
C ASN C 171 -24.68 2.02 -23.59
N ALA C 172 -26.00 1.88 -23.57
CA ALA C 172 -26.86 2.91 -24.14
C ALA C 172 -26.73 4.24 -23.41
N LEU C 173 -26.19 4.25 -22.20
CA LEU C 173 -26.00 5.48 -21.45
C LEU C 173 -24.81 6.30 -21.92
N GLU C 174 -24.06 5.80 -22.91
CA GLU C 174 -22.97 6.56 -23.55
C GLU C 174 -21.85 6.90 -22.58
N LEU C 175 -21.59 6.03 -21.60
CA LEU C 175 -20.53 6.30 -20.65
C LEU C 175 -19.17 6.07 -21.27
N ASP C 176 -18.19 6.88 -20.87
CA ASP C 176 -16.81 6.70 -21.26
C ASP C 176 -16.00 6.21 -20.06
N ASP C 177 -14.70 6.04 -20.28
CA ASP C 177 -13.84 5.49 -19.23
C ASP C 177 -13.79 6.40 -18.00
N SER C 178 -13.87 7.72 -18.19
CA SER C 178 -13.89 8.61 -17.04
C SER C 178 -15.15 8.42 -16.21
N ASP C 179 -16.28 8.09 -16.86
CA ASP C 179 -17.50 7.81 -16.11
C ASP C 179 -17.41 6.47 -15.42
N ILE C 180 -16.95 5.44 -16.14
CA ILE C 180 -16.89 4.09 -15.59
C ILE C 180 -15.94 4.03 -14.39
N SER C 181 -14.84 4.78 -14.45
CA SER C 181 -13.87 4.78 -13.36
C SER C 181 -14.52 5.17 -12.04
N LEU C 182 -15.28 6.27 -12.04
CA LEU C 182 -15.97 6.69 -10.82
C LEU C 182 -17.09 5.71 -10.46
N PHE C 183 -17.79 5.19 -11.46
CA PHE C 183 -18.86 4.23 -11.21
C PHE C 183 -18.34 2.97 -10.54
N VAL C 184 -17.19 2.47 -10.98
CA VAL C 184 -16.62 1.28 -10.36
C VAL C 184 -16.10 1.61 -8.97
N ALA C 185 -15.58 2.83 -8.77
CA ALA C 185 -15.12 3.24 -7.45
C ALA C 185 -16.27 3.27 -6.46
N ALA C 186 -17.44 3.76 -6.88
CA ALA C 186 -18.59 3.81 -5.98
C ALA C 186 -19.10 2.42 -5.64
N ILE C 187 -18.90 1.45 -6.55
CA ILE C 187 -19.30 0.08 -6.28
C ILE C 187 -18.44 -0.52 -5.18
N ILE C 188 -17.12 -0.31 -5.24
CA ILE C 188 -16.21 -0.94 -4.29
C ILE C 188 -16.30 -0.26 -2.93
N CYS C 189 -16.41 1.07 -2.91
CA CYS C 189 -16.42 1.83 -1.66
C CYS C 189 -17.87 2.10 -1.25
N CYS C 190 -18.46 1.10 -0.60
CA CYS C 190 -19.79 1.26 -0.02
C CYS C 190 -19.83 0.63 1.36
N GLY C 191 -20.41 1.34 2.32
CA GLY C 191 -20.37 0.91 3.70
C GLY C 191 -21.51 0.02 4.15
N ASP C 192 -22.23 -0.58 3.20
CA ASP C 192 -23.31 -1.51 3.53
C ASP C 192 -22.92 -2.96 3.27
N ARG C 193 -21.64 -3.24 3.06
CA ARG C 193 -21.20 -4.62 2.92
C ARG C 193 -21.17 -5.30 4.29
N PRO C 194 -21.46 -6.60 4.33
CA PRO C 194 -21.48 -7.30 5.62
C PRO C 194 -20.07 -7.48 6.18
N GLY C 195 -19.97 -7.35 7.50
CA GLY C 195 -18.71 -7.58 8.17
C GLY C 195 -17.71 -6.46 8.09
N LEU C 196 -18.17 -5.21 7.98
CA LEU C 196 -17.28 -4.07 7.91
C LEU C 196 -17.04 -3.49 9.30
N LEU C 197 -15.79 -3.11 9.57
CA LEU C 197 -15.41 -2.53 10.85
C LEU C 197 -15.65 -1.03 10.89
N ASN C 198 -15.07 -0.30 9.94
CA ASN C 198 -15.14 1.16 9.95
C ASN C 198 -16.20 1.63 8.95
N VAL C 199 -17.47 1.33 9.29
CA VAL C 199 -18.58 1.71 8.43
C VAL C 199 -18.65 3.22 8.26
N GLY C 200 -18.30 3.98 9.31
CA GLY C 200 -18.32 5.43 9.19
C GLY C 200 -17.31 5.96 8.20
N HIS C 201 -16.09 5.41 8.22
CA HIS C 201 -15.06 5.86 7.29
C HIS C 201 -15.44 5.53 5.85
N ILE C 202 -15.98 4.33 5.63
CA ILE C 202 -16.33 3.92 4.27
C ILE C 202 -17.55 4.67 3.77
N GLU C 203 -18.49 5.01 4.64
CA GLU C 203 -19.68 5.73 4.22
C GLU C 203 -19.36 7.14 3.77
N LYS C 204 -18.49 7.84 4.52
CA LYS C 204 -18.07 9.16 4.07
C LYS C 204 -17.12 9.09 2.90
N MET C 205 -16.39 7.98 2.74
CA MET C 205 -15.60 7.77 1.54
C MET C 205 -16.50 7.61 0.32
N GLN C 206 -17.63 6.91 0.47
CA GLN C 206 -18.59 6.81 -0.61
C GLN C 206 -19.23 8.16 -0.91
N GLU C 207 -19.52 8.95 0.13
CA GLU C 207 -20.12 10.26 -0.05
C GLU C 207 -19.29 11.11 -0.99
N GLY C 208 -17.97 11.15 -0.79
CA GLY C 208 -17.11 11.91 -1.66
C GLY C 208 -17.10 11.38 -3.09
N ILE C 209 -17.02 10.06 -3.25
CA ILE C 209 -17.04 9.47 -4.59
C ILE C 209 -18.37 9.75 -5.27
N VAL C 210 -19.48 9.58 -4.54
CA VAL C 210 -20.80 9.79 -5.13
C VAL C 210 -20.98 11.26 -5.50
N HIS C 211 -20.44 12.17 -4.68
CA HIS C 211 -20.55 13.60 -4.98
C HIS C 211 -19.74 13.97 -6.21
N VAL C 212 -18.51 13.48 -6.30
CA VAL C 212 -17.66 13.79 -7.45
C VAL C 212 -18.25 13.18 -8.71
N LEU C 213 -18.83 11.98 -8.59
CA LEU C 213 -19.49 11.37 -9.73
C LEU C 213 -20.69 12.20 -10.19
N ARG C 214 -21.44 12.76 -9.24
CA ARG C 214 -22.60 13.58 -9.59
C ARG C 214 -22.18 14.80 -10.39
N LEU C 215 -21.17 15.52 -9.92
CA LEU C 215 -20.68 16.69 -10.65
C LEU C 215 -20.07 16.30 -11.99
N HIS C 216 -19.37 15.17 -12.03
CA HIS C 216 -18.73 14.75 -13.28
C HIS C 216 -19.76 14.40 -14.34
N LEU C 217 -20.84 13.72 -13.95
CA LEU C 217 -21.89 13.38 -14.91
C LEU C 217 -22.62 14.63 -15.40
N GLN C 218 -22.71 15.67 -14.56
CA GLN C 218 -23.38 16.89 -14.98
C GLN C 218 -22.57 17.62 -16.04
N SER C 219 -21.25 17.74 -15.85
CA SER C 219 -20.43 18.46 -16.82
C SER C 219 -20.15 17.61 -18.06
N ASN C 220 -19.79 16.34 -17.86
CA ASN C 220 -19.42 15.49 -19.00
C ASN C 220 -20.62 15.02 -19.80
N HIS C 221 -21.82 15.03 -19.22
CA HIS C 221 -23.05 14.66 -19.94
C HIS C 221 -24.14 15.63 -19.52
N PRO C 222 -24.13 16.86 -20.06
CA PRO C 222 -25.10 17.86 -19.61
C PRO C 222 -26.51 17.61 -20.13
N ASP C 223 -26.66 17.07 -21.34
CA ASP C 223 -27.99 16.86 -21.88
C ASP C 223 -28.73 15.70 -21.23
N ASP C 224 -28.02 14.79 -20.56
CA ASP C 224 -28.65 13.68 -19.84
C ASP C 224 -28.64 14.04 -18.36
N ILE C 225 -29.65 14.81 -17.96
CA ILE C 225 -29.65 15.41 -16.62
C ILE C 225 -29.94 14.36 -15.55
N PHE C 226 -30.65 13.29 -15.90
CA PHE C 226 -30.97 12.22 -14.97
C PHE C 226 -30.02 11.05 -15.08
N LEU C 227 -28.82 11.26 -15.62
CA LEU C 227 -27.86 10.18 -15.77
C LEU C 227 -27.40 9.65 -14.41
N PHE C 228 -27.34 10.51 -13.39
CA PHE C 228 -26.90 10.05 -12.08
C PHE C 228 -27.93 9.13 -11.42
N PRO C 229 -29.23 9.48 -11.34
CA PRO C 229 -30.19 8.50 -10.80
C PRO C 229 -30.33 7.27 -11.69
N LYS C 230 -30.10 7.40 -13.00
CA LYS C 230 -30.07 6.23 -13.86
C LYS C 230 -28.96 5.27 -13.45
N LEU C 231 -27.79 5.81 -13.10
CA LEU C 231 -26.68 4.96 -12.69
C LEU C 231 -26.90 4.36 -11.32
N LEU C 232 -27.56 5.10 -10.41
CA LEU C 232 -27.88 4.54 -9.10
C LEU C 232 -28.75 3.30 -9.24
N GLN C 233 -29.68 3.31 -10.20
CA GLN C 233 -30.49 2.12 -10.44
C GLN C 233 -29.68 1.02 -11.10
N LYS C 234 -28.69 1.38 -11.92
CA LYS C 234 -27.82 0.37 -12.52
C LYS C 234 -27.03 -0.37 -11.45
N MET C 235 -26.60 0.34 -10.40
CA MET C 235 -25.92 -0.31 -9.29
C MET C 235 -26.82 -1.35 -8.63
N ALA C 236 -28.09 -1.02 -8.43
CA ALA C 236 -29.02 -1.98 -7.86
C ALA C 236 -29.20 -3.18 -8.78
N ASP C 237 -29.20 -2.96 -10.09
CA ASP C 237 -29.32 -4.07 -11.03
C ASP C 237 -28.07 -4.96 -11.00
N LEU C 238 -26.90 -4.37 -10.74
CA LEU C 238 -25.68 -5.17 -10.68
C LEU C 238 -25.70 -6.11 -9.48
N ARG C 239 -26.22 -5.65 -8.33
CA ARG C 239 -26.33 -6.52 -7.17
C ARG C 239 -27.27 -7.69 -7.45
N GLN C 240 -28.39 -7.41 -8.12
CA GLN C 240 -29.31 -8.49 -8.49
C GLN C 240 -28.70 -9.39 -9.56
N LEU C 241 -27.90 -8.81 -10.47
CA LEU C 241 -27.23 -9.62 -11.48
C LEU C 241 -26.15 -10.51 -10.87
N VAL C 242 -25.52 -10.06 -9.78
CA VAL C 242 -24.51 -10.88 -9.12
C VAL C 242 -25.17 -11.98 -8.32
N THR C 243 -26.25 -11.67 -7.61
CA THR C 243 -26.99 -12.69 -6.86
C THR C 243 -27.49 -13.79 -7.79
N GLU C 244 -28.04 -13.41 -8.94
CA GLU C 244 -28.50 -14.40 -9.90
C GLU C 244 -27.35 -15.19 -10.50
N HIS C 245 -26.19 -14.56 -10.69
CA HIS C 245 -25.04 -15.27 -11.24
C HIS C 245 -24.49 -16.29 -10.25
N ALA C 246 -24.32 -15.90 -8.99
CA ALA C 246 -23.84 -16.83 -7.99
C ALA C 246 -24.82 -17.97 -7.75
N GLN C 247 -26.12 -17.66 -7.76
CA GLN C 247 -27.12 -18.71 -7.61
C GLN C 247 -27.15 -19.63 -8.81
N LEU C 248 -26.96 -19.08 -10.01
CA LEU C 248 -26.99 -19.88 -11.23
C LEU C 248 -25.75 -20.77 -11.35
N VAL C 249 -24.59 -20.28 -10.92
CA VAL C 249 -23.38 -21.09 -10.96
C VAL C 249 -23.37 -22.17 -9.89
N GLN C 250 -24.30 -22.12 -8.93
CA GLN C 250 -24.42 -23.16 -7.92
C GLN C 250 -24.88 -24.49 -8.49
N ILE C 251 -25.38 -24.50 -9.74
CA ILE C 251 -25.77 -25.74 -10.38
C ILE C 251 -24.58 -26.67 -10.58
N ILE C 252 -23.37 -26.12 -10.65
CA ILE C 252 -22.16 -26.92 -10.79
C ILE C 252 -21.55 -27.18 -9.43
N SER D 2 -1.87 -4.98 -17.98
CA SER D 2 -2.28 -3.69 -17.44
C SER D 2 -1.88 -2.58 -18.41
N HIS D 3 -1.97 -1.32 -17.96
CA HIS D 3 -1.40 -0.22 -18.73
C HIS D 3 0.04 -0.53 -19.13
N MET D 4 0.82 -1.02 -18.16
CA MET D 4 2.09 -1.69 -18.40
C MET D 4 2.04 -3.04 -17.70
N THR D 5 2.50 -4.07 -18.40
CA THR D 5 2.56 -5.40 -17.81
C THR D 5 3.62 -5.44 -16.71
N ALA D 6 3.64 -6.55 -15.97
CA ALA D 6 4.62 -6.72 -14.91
C ALA D 6 6.04 -6.79 -15.48
N ASP D 7 6.21 -7.45 -16.62
CA ASP D 7 7.55 -7.56 -17.20
C ASP D 7 8.06 -6.21 -17.69
N LEU D 8 7.18 -5.41 -18.30
CA LEU D 8 7.58 -4.09 -18.75
C LEU D 8 7.81 -3.14 -17.59
N LYS D 9 7.11 -3.35 -16.46
CA LYS D 9 7.33 -2.50 -15.30
C LYS D 9 8.70 -2.74 -14.68
N SER D 10 9.25 -3.95 -14.82
CA SER D 10 10.54 -4.28 -14.25
C SER D 10 11.68 -4.21 -15.26
N LEU D 11 11.39 -3.84 -16.50
CA LEU D 11 12.41 -3.88 -17.55
C LEU D 11 13.57 -2.95 -17.24
N ALA D 12 13.29 -1.71 -16.85
CA ALA D 12 14.36 -0.76 -16.57
C ALA D 12 15.25 -1.23 -15.42
N LYS D 13 14.63 -1.79 -14.37
CA LYS D 13 15.41 -2.26 -13.24
C LYS D 13 16.32 -3.42 -13.63
N ARG D 14 15.77 -4.40 -14.36
CA ARG D 14 16.58 -5.54 -14.76
C ARG D 14 17.72 -5.13 -15.69
N ILE D 15 17.44 -4.24 -16.64
CA ILE D 15 18.47 -3.81 -17.58
C ILE D 15 19.58 -3.06 -16.86
N TYR D 16 19.21 -2.18 -15.92
CA TYR D 16 20.23 -1.47 -15.14
C TYR D 16 21.05 -2.44 -14.30
N GLU D 17 20.39 -3.39 -13.64
CA GLU D 17 21.09 -4.41 -12.87
C GLU D 17 22.12 -5.14 -13.72
N ALA D 18 21.73 -5.54 -14.94
CA ALA D 18 22.65 -6.24 -15.83
C ALA D 18 23.83 -5.34 -16.20
N TYR D 19 23.57 -4.04 -16.34
CA TYR D 19 24.62 -3.07 -16.63
C TYR D 19 25.61 -2.99 -15.47
N LEU D 20 25.11 -2.83 -14.24
CA LEU D 20 25.98 -2.73 -13.07
C LEU D 20 26.74 -4.02 -12.81
N LYS D 21 26.17 -5.16 -13.16
CA LYS D 21 26.84 -6.43 -12.92
C LYS D 21 27.92 -6.73 -13.95
N ASN D 22 27.69 -6.34 -15.22
CA ASN D 22 28.52 -6.83 -16.30
C ASN D 22 29.57 -5.84 -16.80
N PHE D 23 29.52 -4.59 -16.37
CA PHE D 23 30.51 -3.60 -16.78
C PHE D 23 31.35 -3.19 -15.57
N ASN D 24 32.64 -3.50 -15.63
CA ASN D 24 33.53 -3.14 -14.52
C ASN D 24 33.67 -1.63 -14.39
N MET D 25 33.68 -0.92 -15.51
CA MET D 25 33.80 0.53 -15.53
C MET D 25 32.49 1.15 -16.00
N ASN D 26 31.98 2.11 -15.24
CA ASN D 26 30.80 2.86 -15.63
C ASN D 26 31.05 4.34 -15.41
N LYS D 27 30.00 5.17 -15.51
CA LYS D 27 30.21 6.61 -15.48
C LYS D 27 30.49 7.12 -14.07
N VAL D 28 29.77 6.63 -13.06
CA VAL D 28 30.00 7.09 -11.70
C VAL D 28 31.40 6.72 -11.23
N LYS D 29 31.85 5.50 -11.55
CA LYS D 29 33.21 5.12 -11.22
C LYS D 29 34.23 6.00 -11.95
N ALA D 30 33.96 6.28 -13.22
CA ALA D 30 34.91 7.07 -14.02
C ALA D 30 34.95 8.52 -13.55
N ARG D 31 33.79 9.12 -13.25
CA ARG D 31 33.78 10.50 -12.79
C ARG D 31 34.48 10.64 -11.45
N VAL D 32 34.38 9.64 -10.58
CA VAL D 32 35.09 9.69 -9.30
C VAL D 32 36.59 9.76 -9.51
N ILE D 33 37.11 8.96 -10.45
CA ILE D 33 38.55 8.95 -10.71
C ILE D 33 38.97 10.26 -11.36
N LEU D 34 38.24 10.71 -12.37
CA LEU D 34 38.60 11.93 -13.09
C LEU D 34 38.44 13.18 -12.23
N SER D 35 37.67 13.12 -11.14
CA SER D 35 37.41 14.30 -10.32
C SER D 35 38.54 14.60 -9.34
N GLY D 36 39.46 13.67 -9.12
CA GLY D 36 40.52 13.87 -8.17
C GLY D 36 40.13 13.70 -6.72
N LYS D 37 38.83 13.56 -6.43
CA LYS D 37 38.36 13.33 -5.07
C LYS D 37 38.33 11.83 -4.79
N ALA D 38 37.90 11.48 -3.56
CA ALA D 38 37.78 10.10 -3.08
C ALA D 38 39.14 9.40 -2.97
N SER D 39 40.13 9.84 -3.73
CA SER D 39 41.45 9.24 -3.70
C SER D 39 42.50 10.29 -3.99
N ASN D 40 43.66 10.15 -3.34
CA ASN D 40 44.81 10.99 -3.60
C ASN D 40 45.83 10.31 -4.51
N ASN D 41 45.52 9.12 -5.02
CA ASN D 41 46.36 8.36 -5.93
C ASN D 41 45.77 8.45 -7.33
N PRO D 42 46.20 9.41 -8.14
CA PRO D 42 45.62 9.59 -9.47
C PRO D 42 46.10 8.51 -10.42
N PRO D 43 45.45 8.35 -11.57
CA PRO D 43 45.92 7.36 -12.55
C PRO D 43 47.28 7.75 -13.11
N PHE D 44 48.04 6.73 -13.50
CA PHE D 44 49.31 6.96 -14.17
C PHE D 44 49.07 7.62 -15.52
N VAL D 45 49.64 8.81 -15.70
CA VAL D 45 49.37 9.62 -16.89
C VAL D 45 50.26 9.15 -18.03
N ILE D 46 49.66 8.99 -19.22
CA ILE D 46 50.37 8.61 -20.43
C ILE D 46 50.30 9.80 -21.38
N HIS D 47 51.45 10.47 -21.59
CA HIS D 47 51.49 11.68 -22.40
C HIS D 47 52.57 11.70 -23.46
N ASP D 48 53.47 10.71 -23.50
CA ASP D 48 54.51 10.67 -24.52
C ASP D 48 54.88 9.20 -24.77
N MET D 49 55.91 8.99 -25.58
CA MET D 49 56.33 7.63 -25.90
C MET D 49 56.96 6.94 -24.69
N GLU D 50 57.65 7.69 -23.83
CA GLU D 50 58.27 7.09 -22.66
C GLU D 50 57.22 6.52 -21.71
N THR D 51 56.25 7.33 -21.31
CA THR D 51 55.21 6.87 -20.40
C THR D 51 54.36 5.78 -21.03
N LEU D 52 54.17 5.83 -22.36
CA LEU D 52 53.45 4.77 -23.04
C LEU D 52 54.21 3.46 -22.96
N CYS D 53 55.54 3.51 -23.05
CA CYS D 53 56.34 2.30 -22.96
C CYS D 53 56.34 1.71 -21.54
N MET D 54 56.26 2.58 -20.52
CA MET D 54 56.15 2.07 -19.16
C MET D 54 54.84 1.32 -18.95
N ALA D 55 53.73 1.91 -19.39
CA ALA D 55 52.43 1.25 -19.26
C ALA D 55 52.35 0.01 -20.15
N GLU D 56 52.68 0.16 -21.44
CA GLU D 56 52.73 -0.98 -22.34
C GLU D 56 53.97 -1.83 -22.03
N LYS D 57 53.94 -2.51 -20.89
CA LYS D 57 55.07 -3.28 -20.38
C LYS D 57 54.63 -3.97 -19.09
N THR D 58 54.15 -3.17 -18.13
CA THR D 58 53.51 -3.72 -16.95
C THR D 58 52.13 -4.29 -17.27
N LEU D 59 51.54 -3.90 -18.39
CA LEU D 59 50.21 -4.36 -18.75
C LEU D 59 50.22 -5.79 -19.31
N VAL D 60 51.33 -6.22 -19.91
CA VAL D 60 51.41 -7.55 -20.49
C VAL D 60 51.79 -8.56 -19.41
N ALA D 61 51.48 -8.23 -18.16
CA ALA D 61 51.76 -9.12 -17.04
C ALA D 61 50.56 -9.20 -16.09
N SER D 85 38.33 -4.61 -27.58
CA SER D 85 39.12 -5.75 -27.13
C SER D 85 38.22 -6.93 -26.78
N VAL D 86 38.84 -8.06 -26.43
CA VAL D 86 38.09 -9.26 -26.10
C VAL D 86 37.33 -9.09 -24.80
N GLU D 87 37.82 -8.25 -23.89
CA GLU D 87 37.13 -8.05 -22.62
C GLU D 87 35.86 -7.24 -22.79
N THR D 88 35.95 -6.11 -23.50
CA THR D 88 34.79 -5.23 -23.62
C THR D 88 33.68 -5.89 -24.43
N VAL D 89 34.05 -6.65 -25.46
CA VAL D 89 33.06 -7.39 -26.23
C VAL D 89 32.39 -8.44 -25.36
N THR D 90 33.17 -9.11 -24.50
CA THR D 90 32.62 -10.12 -23.62
C THR D 90 31.66 -9.52 -22.60
N GLU D 91 31.96 -8.31 -22.12
CA GLU D 91 31.04 -7.64 -21.21
C GLU D 91 29.72 -7.31 -21.90
N LEU D 92 29.77 -6.87 -23.16
CA LEU D 92 28.56 -6.50 -23.87
C LEU D 92 27.68 -7.72 -24.16
N THR D 93 28.29 -8.85 -24.55
CA THR D 93 27.49 -10.04 -24.79
C THR D 93 26.83 -10.53 -23.51
N GLU D 94 27.58 -10.58 -22.40
CA GLU D 94 27.00 -10.96 -21.12
C GLU D 94 25.88 -10.00 -20.72
N PHE D 95 26.07 -8.70 -20.96
CA PHE D 95 25.02 -7.73 -20.68
C PHE D 95 23.81 -7.96 -21.57
N ALA D 96 24.05 -8.24 -22.85
CA ALA D 96 22.94 -8.54 -23.76
C ALA D 96 22.19 -9.80 -23.32
N LYS D 97 22.94 -10.84 -22.92
CA LYS D 97 22.29 -12.09 -22.50
C LYS D 97 21.37 -11.89 -21.32
N ALA D 98 21.54 -10.81 -20.56
CA ALA D 98 20.70 -10.50 -19.41
C ALA D 98 19.60 -9.48 -19.72
N ILE D 99 19.54 -8.98 -20.94
CA ILE D 99 18.39 -8.14 -21.32
C ILE D 99 17.16 -9.04 -21.47
N PRO D 100 16.05 -8.72 -20.82
CA PRO D 100 14.86 -9.58 -20.92
C PRO D 100 14.41 -9.76 -22.36
N GLY D 101 14.28 -11.02 -22.78
CA GLY D 101 13.88 -11.38 -24.12
C GLY D 101 15.01 -11.79 -25.03
N PHE D 102 16.25 -11.39 -24.71
CA PHE D 102 17.38 -11.70 -25.56
C PHE D 102 17.73 -13.18 -25.54
N ALA D 103 17.63 -13.81 -24.36
CA ALA D 103 18.04 -15.20 -24.21
C ALA D 103 17.14 -16.14 -25.01
N ASN D 104 15.88 -15.79 -25.21
CA ASN D 104 14.95 -16.59 -26.00
C ASN D 104 15.19 -16.45 -27.50
N LEU D 105 16.15 -15.65 -27.92
CA LEU D 105 16.45 -15.49 -29.32
C LEU D 105 17.22 -16.69 -29.86
N ASP D 106 17.13 -16.86 -31.18
CA ASP D 106 17.99 -17.80 -31.88
C ASP D 106 19.45 -17.49 -31.60
N LEU D 107 20.27 -18.53 -31.49
CA LEU D 107 21.71 -18.33 -31.31
C LEU D 107 22.29 -17.45 -32.42
N ASN D 108 21.87 -17.68 -33.66
CA ASN D 108 22.36 -16.88 -34.77
C ASN D 108 21.89 -15.43 -34.66
N ASP D 109 20.65 -15.22 -34.25
CA ASP D 109 20.15 -13.86 -34.06
C ASP D 109 20.89 -13.14 -32.94
N GLN D 110 21.25 -13.88 -31.88
CA GLN D 110 22.06 -13.30 -30.81
C GLN D 110 23.41 -12.84 -31.34
N VAL D 111 24.06 -13.68 -32.15
CA VAL D 111 25.34 -13.30 -32.76
C VAL D 111 25.16 -12.10 -33.65
N THR D 112 24.09 -12.09 -34.46
CA THR D 112 23.88 -11.01 -35.43
C THR D 112 23.72 -9.67 -34.73
N LEU D 113 22.85 -9.61 -33.72
CA LEU D 113 22.64 -8.36 -32.98
C LEU D 113 23.95 -7.83 -32.41
N LEU D 114 24.72 -8.71 -31.77
CA LEU D 114 26.00 -8.29 -31.21
C LEU D 114 27.01 -7.95 -32.30
N LYS D 115 26.97 -8.66 -33.42
CA LYS D 115 27.94 -8.42 -34.49
C LYS D 115 27.83 -7.00 -35.04
N TYR D 116 26.60 -6.55 -35.31
CA TYR D 116 26.38 -5.25 -35.93
C TYR D 116 26.15 -4.14 -34.90
N GLY D 117 26.14 -4.45 -33.61
CA GLY D 117 25.82 -3.44 -32.61
C GLY D 117 26.88 -3.22 -31.55
N VAL D 118 27.91 -4.08 -31.51
CA VAL D 118 28.90 -3.99 -30.44
C VAL D 118 29.69 -2.69 -30.55
N TYR D 119 30.02 -2.26 -31.77
CA TYR D 119 30.85 -1.06 -31.92
C TYR D 119 30.07 0.20 -31.57
N GLU D 120 28.77 0.25 -31.89
CA GLU D 120 27.97 1.41 -31.51
C GLU D 120 27.84 1.50 -30.00
N ALA D 121 27.74 0.36 -29.31
CA ALA D 121 27.65 0.37 -27.86
C ALA D 121 28.98 0.75 -27.22
N ILE D 122 30.09 0.27 -27.80
CA ILE D 122 31.41 0.58 -27.25
C ILE D 122 31.67 2.09 -27.32
N PHE D 123 31.47 2.69 -28.49
CA PHE D 123 31.75 4.11 -28.64
C PHE D 123 30.77 4.96 -27.85
N ALA D 124 29.54 4.47 -27.64
CA ALA D 124 28.60 5.19 -26.78
C ALA D 124 29.08 5.22 -25.33
N MET D 125 29.46 4.06 -24.80
CA MET D 125 29.93 4.00 -23.42
C MET D 125 31.32 4.60 -23.25
N LEU D 126 32.11 4.64 -24.34
CA LEU D 126 33.44 5.21 -24.26
C LEU D 126 33.43 6.66 -23.80
N SER D 127 32.31 7.37 -24.01
CA SER D 127 32.19 8.74 -23.53
C SER D 127 32.27 8.81 -22.02
N SER D 128 31.88 7.73 -21.33
CA SER D 128 31.82 7.75 -19.87
C SER D 128 33.21 7.86 -19.24
N VAL D 129 34.25 7.44 -19.95
CA VAL D 129 35.62 7.48 -19.43
C VAL D 129 36.44 8.58 -20.09
N MET D 130 35.79 9.54 -20.73
CA MET D 130 36.47 10.59 -21.48
C MET D 130 36.11 11.97 -20.95
N ASN D 131 37.10 12.86 -21.00
CA ASN D 131 36.84 14.30 -20.91
C ASN D 131 37.57 15.00 -22.05
N LYS D 132 37.60 16.33 -22.05
CA LYS D 132 38.19 17.05 -23.16
C LYS D 132 39.70 16.88 -23.26
N ASP D 133 40.36 16.32 -22.23
CA ASP D 133 41.80 16.23 -22.19
C ASP D 133 42.33 14.81 -22.38
N GLY D 134 41.49 13.79 -22.26
CA GLY D 134 41.95 12.43 -22.45
C GLY D 134 40.90 11.44 -21.99
N MET D 135 41.33 10.19 -21.81
CA MET D 135 40.43 9.10 -21.46
C MET D 135 41.10 8.16 -20.48
N LEU D 136 40.28 7.55 -19.62
CA LEU D 136 40.78 6.50 -18.75
C LEU D 136 41.01 5.21 -19.53
N VAL D 137 42.04 4.48 -19.12
CA VAL D 137 42.34 3.16 -19.67
C VAL D 137 42.71 2.23 -18.53
N ALA D 138 42.75 0.93 -18.84
CA ALA D 138 43.18 -0.11 -17.90
C ALA D 138 42.38 -0.04 -16.60
N TYR D 139 41.06 -0.14 -16.75
CA TYR D 139 40.14 -0.19 -15.62
C TYR D 139 40.30 1.04 -14.71
N GLY D 140 40.54 2.19 -15.32
CA GLY D 140 40.70 3.42 -14.57
C GLY D 140 42.06 3.64 -13.94
N ASN D 141 42.99 2.69 -14.12
CA ASN D 141 44.32 2.86 -13.54
C ASN D 141 45.19 3.81 -14.36
N GLY D 142 44.87 4.00 -15.64
CA GLY D 142 45.64 4.90 -16.47
C GLY D 142 44.81 5.99 -17.11
N PHE D 143 45.48 7.04 -17.58
CA PHE D 143 44.83 8.16 -18.26
C PHE D 143 45.74 8.60 -19.39
N ILE D 144 45.33 8.34 -20.63
CA ILE D 144 46.10 8.69 -21.81
C ILE D 144 45.52 9.98 -22.40
N THR D 145 46.40 10.94 -22.68
CA THR D 145 45.94 12.28 -23.00
C THR D 145 45.49 12.39 -24.46
N ARG D 146 44.49 13.24 -24.67
CA ARG D 146 43.95 13.45 -26.00
C ARG D 146 45.00 14.04 -26.94
N GLU D 147 45.92 14.84 -26.40
CA GLU D 147 46.93 15.48 -27.24
C GLU D 147 48.01 14.49 -27.68
N PHE D 148 48.36 13.54 -26.80
CA PHE D 148 49.36 12.54 -27.17
C PHE D 148 48.83 11.61 -28.26
N LEU D 149 47.55 11.22 -28.17
CA LEU D 149 46.94 10.46 -29.26
C LEU D 149 46.89 11.28 -30.53
N LYS D 150 46.61 12.58 -30.40
CA LYS D 150 46.55 13.46 -31.55
C LYS D 150 47.92 13.75 -32.15
N SER D 151 48.99 13.47 -31.39
CA SER D 151 50.35 13.76 -31.83
C SER D 151 51.02 12.57 -32.52
N LEU D 152 50.36 11.42 -32.59
CA LEU D 152 50.92 10.27 -33.28
C LEU D 152 50.99 10.56 -34.78
N ARG D 153 51.59 9.62 -35.52
CA ARG D 153 51.81 9.83 -36.94
C ARG D 153 50.52 9.60 -37.74
N LYS D 154 50.56 8.69 -38.70
CA LYS D 154 49.42 8.49 -39.58
C LYS D 154 49.17 7.00 -39.80
N PRO D 155 47.89 6.57 -39.81
CA PRO D 155 46.75 7.44 -39.51
C PRO D 155 46.28 7.31 -38.06
N PHE D 156 47.23 7.07 -37.14
CA PHE D 156 46.87 6.80 -35.75
C PHE D 156 46.25 8.02 -35.09
N CYS D 157 46.74 9.22 -35.40
CA CYS D 157 46.20 10.43 -34.79
C CYS D 157 44.75 10.68 -35.17
N ASP D 158 44.23 9.98 -36.18
CA ASP D 158 42.85 10.16 -36.64
C ASP D 158 41.92 9.05 -36.15
N ILE D 159 42.41 8.17 -35.27
CA ILE D 159 41.61 7.04 -34.81
C ILE D 159 40.71 7.47 -33.66
N MET D 160 41.30 7.97 -32.58
CA MET D 160 40.55 8.26 -31.36
C MET D 160 39.90 9.64 -31.37
N GLU D 161 40.45 10.59 -32.11
CA GLU D 161 39.90 11.95 -32.08
C GLU D 161 38.42 12.02 -32.50
N PRO D 162 37.93 11.27 -33.50
CA PRO D 162 36.49 11.29 -33.77
C PRO D 162 35.66 10.83 -32.57
N LYS D 163 36.19 9.92 -31.74
CA LYS D 163 35.45 9.47 -30.58
C LYS D 163 35.44 10.52 -29.48
N PHE D 164 36.53 11.27 -29.34
CA PHE D 164 36.53 12.41 -28.43
C PHE D 164 35.52 13.45 -28.85
N ASP D 165 35.42 13.71 -30.15
CA ASP D 165 34.45 14.70 -30.64
C ASP D 165 33.02 14.25 -30.35
N PHE D 166 32.73 12.96 -30.58
CA PHE D 166 31.40 12.45 -30.25
C PHE D 166 31.16 12.49 -28.75
N ALA D 167 32.16 12.09 -27.96
CA ALA D 167 31.98 12.01 -26.51
C ALA D 167 31.66 13.38 -25.91
N MET D 168 32.28 14.44 -26.42
CA MET D 168 32.04 15.76 -25.86
C MET D 168 30.61 16.22 -26.12
N LYS D 169 30.06 15.93 -27.30
CA LYS D 169 28.66 16.25 -27.56
C LYS D 169 27.74 15.32 -26.80
N PHE D 170 28.14 14.05 -26.64
CA PHE D 170 27.29 13.08 -25.95
C PHE D 170 27.27 13.34 -24.45
N ASN D 171 28.44 13.64 -23.86
CA ASN D 171 28.50 13.91 -22.42
C ASN D 171 27.76 15.20 -22.05
N ALA D 172 27.57 16.11 -23.00
CA ALA D 172 26.80 17.32 -22.74
C ALA D 172 25.32 17.04 -22.51
N LEU D 173 24.86 15.81 -22.81
CA LEU D 173 23.49 15.43 -22.49
C LEU D 173 23.32 15.02 -21.04
N GLU D 174 24.43 14.81 -20.31
CA GLU D 174 24.41 14.56 -18.87
C GLU D 174 23.59 13.31 -18.51
N LEU D 175 23.86 12.23 -19.22
CA LEU D 175 23.18 10.97 -18.94
C LEU D 175 23.77 10.31 -17.70
N ASP D 176 22.89 9.72 -16.89
CA ASP D 176 23.34 8.84 -15.82
C ASP D 176 23.55 7.42 -16.35
N ASP D 177 24.11 6.57 -15.49
CA ASP D 177 24.38 5.19 -15.89
C ASP D 177 23.10 4.46 -16.24
N SER D 178 22.02 4.71 -15.50
CA SER D 178 20.74 4.06 -15.79
C SER D 178 20.26 4.44 -17.19
N ASP D 179 20.34 5.72 -17.55
CA ASP D 179 19.98 6.13 -18.89
C ASP D 179 20.84 5.42 -19.93
N ILE D 180 22.14 5.30 -19.65
CA ILE D 180 23.06 4.71 -20.61
C ILE D 180 22.76 3.23 -20.81
N SER D 181 22.37 2.54 -19.73
CA SER D 181 22.06 1.12 -19.83
C SER D 181 20.88 0.86 -20.76
N LEU D 182 19.83 1.69 -20.67
CA LEU D 182 18.70 1.54 -21.57
C LEU D 182 19.07 1.92 -22.99
N PHE D 183 19.93 2.94 -23.13
CA PHE D 183 20.38 3.39 -24.45
C PHE D 183 21.20 2.30 -25.14
N VAL D 184 22.08 1.62 -24.41
CA VAL D 184 22.88 0.54 -24.99
C VAL D 184 21.98 -0.65 -25.31
N ALA D 185 20.96 -0.89 -24.48
CA ALA D 185 20.01 -1.95 -24.76
C ALA D 185 19.24 -1.68 -26.05
N ALA D 186 18.86 -0.42 -26.29
CA ALA D 186 18.15 -0.08 -27.50
C ALA D 186 19.04 -0.18 -28.74
N ILE D 187 20.35 0.06 -28.58
CA ILE D 187 21.28 -0.09 -29.70
C ILE D 187 21.39 -1.56 -30.09
N ILE D 188 21.47 -2.45 -29.10
CA ILE D 188 21.73 -3.86 -29.38
C ILE D 188 20.47 -4.53 -29.93
N CYS D 189 19.32 -4.28 -29.30
CA CYS D 189 18.08 -4.95 -29.67
C CYS D 189 17.42 -4.24 -30.86
N CYS D 190 18.16 -4.23 -31.97
CA CYS D 190 17.77 -3.52 -33.18
C CYS D 190 17.26 -4.52 -34.21
N GLY D 191 15.99 -4.40 -34.57
CA GLY D 191 15.36 -5.35 -35.47
C GLY D 191 15.68 -5.23 -36.94
N ASP D 192 16.52 -4.29 -37.36
CA ASP D 192 16.81 -4.09 -38.78
C ASP D 192 18.23 -4.46 -39.15
N ARG D 193 18.92 -5.23 -38.31
CA ARG D 193 20.23 -5.73 -38.70
C ARG D 193 20.06 -6.77 -39.81
N PRO D 194 21.02 -6.85 -40.73
CA PRO D 194 20.90 -7.83 -41.82
C PRO D 194 21.05 -9.25 -41.32
N GLY D 195 20.22 -10.15 -41.85
CA GLY D 195 20.31 -11.56 -41.54
C GLY D 195 19.50 -12.02 -40.35
N LEU D 196 18.58 -11.19 -39.85
CA LEU D 196 17.79 -11.56 -38.68
C LEU D 196 16.66 -12.52 -39.08
N LEU D 197 16.48 -13.56 -38.26
CA LEU D 197 15.37 -14.48 -38.45
C LEU D 197 14.13 -14.04 -37.67
N ASN D 198 14.32 -13.58 -36.43
CA ASN D 198 13.19 -13.22 -35.57
C ASN D 198 13.06 -11.70 -35.48
N VAL D 199 12.76 -11.09 -36.62
CA VAL D 199 12.66 -9.63 -36.68
C VAL D 199 11.49 -9.14 -35.82
N GLY D 200 10.36 -9.82 -35.89
CA GLY D 200 9.21 -9.41 -35.09
C GLY D 200 9.49 -9.46 -33.59
N HIS D 201 10.18 -10.51 -33.14
CA HIS D 201 10.53 -10.65 -31.74
C HIS D 201 11.45 -9.53 -31.29
N ILE D 202 12.45 -9.19 -32.11
CA ILE D 202 13.41 -8.15 -31.73
C ILE D 202 12.76 -6.78 -31.79
N GLU D 203 11.86 -6.56 -32.75
CA GLU D 203 11.11 -5.31 -32.80
C GLU D 203 10.23 -5.15 -31.55
N LYS D 204 9.66 -6.26 -31.07
CA LYS D 204 8.86 -6.20 -29.85
C LYS D 204 9.73 -5.88 -28.64
N MET D 205 10.94 -6.46 -28.59
CA MET D 205 11.89 -6.07 -27.56
C MET D 205 12.25 -4.60 -27.67
N GLN D 206 12.53 -4.13 -28.89
CA GLN D 206 12.92 -2.75 -29.10
C GLN D 206 11.83 -1.79 -28.64
N GLU D 207 10.57 -2.08 -28.96
CA GLU D 207 9.51 -1.15 -28.62
C GLU D 207 9.25 -1.09 -27.12
N GLY D 208 9.59 -2.13 -26.38
CA GLY D 208 9.49 -2.10 -24.93
C GLY D 208 10.64 -1.33 -24.31
N ILE D 209 11.85 -1.52 -24.84
CA ILE D 209 13.01 -0.78 -24.35
C ILE D 209 12.84 0.70 -24.63
N VAL D 210 12.35 1.04 -25.83
CA VAL D 210 12.17 2.45 -26.20
C VAL D 210 11.07 3.08 -25.35
N HIS D 211 9.99 2.35 -25.07
CA HIS D 211 8.92 2.89 -24.26
C HIS D 211 9.39 3.19 -22.84
N VAL D 212 10.16 2.28 -22.25
CA VAL D 212 10.66 2.48 -20.90
C VAL D 212 11.74 3.57 -20.87
N LEU D 213 12.61 3.59 -21.89
CA LEU D 213 13.60 4.67 -21.98
C LEU D 213 12.93 6.03 -22.10
N ARG D 214 11.79 6.10 -22.78
CA ARG D 214 11.07 7.36 -22.91
C ARG D 214 10.58 7.85 -21.56
N LEU D 215 9.85 7.01 -20.83
CA LEU D 215 9.36 7.39 -19.52
C LEU D 215 10.51 7.69 -18.56
N HIS D 216 11.62 6.94 -18.69
CA HIS D 216 12.76 7.13 -17.81
C HIS D 216 13.40 8.51 -18.01
N LEU D 217 13.51 8.96 -19.27
CA LEU D 217 14.15 10.25 -19.52
C LEU D 217 13.26 11.42 -19.10
N GLN D 218 11.95 11.30 -19.34
N GLN D 218 11.94 11.29 -19.29
CA GLN D 218 11.01 12.32 -18.87
CA GLN D 218 11.04 12.37 -18.88
C GLN D 218 11.05 12.46 -17.37
C GLN D 218 10.93 12.45 -17.37
N SER D 219 11.06 11.33 -16.66
CA SER D 219 11.04 11.37 -15.20
C SER D 219 12.36 11.84 -14.62
N ASN D 220 13.48 11.50 -15.25
CA ASN D 220 14.79 11.80 -14.68
C ASN D 220 15.43 13.06 -15.25
N HIS D 221 14.99 13.54 -16.41
CA HIS D 221 15.52 14.77 -17.01
C HIS D 221 14.38 15.65 -17.47
N PRO D 222 13.54 16.13 -16.54
CA PRO D 222 12.37 16.92 -16.95
C PRO D 222 12.73 18.28 -17.52
N ASP D 223 13.94 18.78 -17.27
CA ASP D 223 14.38 20.04 -17.84
C ASP D 223 15.07 19.88 -19.19
N ASP D 224 14.79 18.78 -19.90
CA ASP D 224 15.32 18.54 -21.23
C ASP D 224 14.34 17.66 -21.98
N ILE D 225 13.13 18.17 -22.24
CA ILE D 225 12.01 17.32 -22.61
C ILE D 225 12.22 16.62 -23.94
N PHE D 226 13.14 17.12 -24.78
CA PHE D 226 13.44 16.51 -26.05
C PHE D 226 14.72 15.68 -26.00
N LEU D 227 15.08 15.17 -24.82
CA LEU D 227 16.30 14.37 -24.71
C LEU D 227 16.18 13.08 -25.49
N PHE D 228 14.98 12.49 -25.54
CA PHE D 228 14.82 11.24 -26.30
C PHE D 228 15.02 11.45 -27.80
N PRO D 229 14.40 12.45 -28.45
CA PRO D 229 14.76 12.71 -29.85
C PRO D 229 16.23 13.04 -30.05
N LYS D 230 16.84 13.78 -29.12
CA LYS D 230 18.27 14.02 -29.19
C LYS D 230 19.04 12.70 -29.15
N LEU D 231 18.58 11.74 -28.34
CA LEU D 231 19.26 10.45 -28.26
C LEU D 231 19.04 9.61 -29.51
N LEU D 232 17.86 9.73 -30.15
CA LEU D 232 17.65 9.03 -31.40
C LEU D 232 18.64 9.49 -32.46
N GLN D 233 18.93 10.79 -32.50
CA GLN D 233 19.92 11.29 -33.44
C GLN D 233 21.33 10.82 -33.06
N LYS D 234 21.60 10.64 -31.77
CA LYS D 234 22.90 10.12 -31.36
C LYS D 234 23.11 8.69 -31.85
N MET D 235 22.04 7.91 -31.95
CA MET D 235 22.18 6.55 -32.49
C MET D 235 22.55 6.59 -33.97
N ALA D 236 21.96 7.52 -34.74
CA ALA D 236 22.34 7.67 -36.13
C ALA D 236 23.79 8.10 -36.26
N ASP D 237 24.24 9.02 -35.40
CA ASP D 237 25.63 9.46 -35.43
C ASP D 237 26.57 8.31 -35.11
N LEU D 238 26.16 7.42 -34.20
CA LEU D 238 27.01 6.30 -33.82
C LEU D 238 27.23 5.35 -34.99
N ARG D 239 26.17 5.04 -35.75
CA ARG D 239 26.33 4.20 -36.93
C ARG D 239 27.30 4.84 -37.91
N GLN D 240 27.15 6.14 -38.15
CA GLN D 240 28.09 6.86 -39.00
C GLN D 240 29.51 6.80 -38.43
N LEU D 241 29.63 6.96 -37.11
CA LEU D 241 30.96 6.90 -36.49
C LEU D 241 31.57 5.51 -36.60
N VAL D 242 30.74 4.46 -36.61
CA VAL D 242 31.24 3.10 -36.76
C VAL D 242 31.70 2.86 -38.19
N THR D 243 30.95 3.37 -39.17
CA THR D 243 31.36 3.26 -40.56
C THR D 243 32.71 3.94 -40.79
N GLU D 244 32.86 5.16 -40.30
CA GLU D 244 34.13 5.87 -40.45
C GLU D 244 35.26 5.17 -39.70
N HIS D 245 34.93 4.47 -38.60
CA HIS D 245 35.94 3.71 -37.87
C HIS D 245 36.42 2.53 -38.71
N ALA D 246 35.49 1.82 -39.37
CA ALA D 246 35.89 0.72 -40.23
C ALA D 246 36.71 1.21 -41.41
N GLN D 247 36.42 2.41 -41.92
CA GLN D 247 37.27 2.99 -42.96
C GLN D 247 38.68 3.26 -42.43
N LEU D 248 38.77 3.88 -41.26
CA LEU D 248 40.07 4.17 -40.66
C LEU D 248 40.84 2.88 -40.36
N VAL D 249 40.13 1.81 -40.02
CA VAL D 249 40.81 0.56 -39.67
C VAL D 249 41.33 -0.15 -40.92
N GLN D 250 40.53 -0.18 -41.98
CA GLN D 250 40.92 -0.91 -43.18
C GLN D 250 42.19 -0.33 -43.80
N ILE D 251 42.41 0.96 -43.64
CA ILE D 251 43.63 1.60 -44.15
C ILE D 251 44.77 1.36 -43.17
N ILE D 252 45.03 0.08 -42.89
CA ILE D 252 46.14 -0.33 -42.02
C ILE D 252 46.70 -1.67 -42.50
N GLY E 4 -15.06 -1.10 24.01
CA GLY E 4 -14.14 -1.14 25.14
C GLY E 4 -14.42 -2.26 26.11
N LEU E 5 -15.61 -2.86 26.00
CA LEU E 5 -16.00 -3.95 26.90
C LEU E 5 -15.33 -5.26 26.53
N GLU E 6 -14.47 -5.28 25.50
CA GLU E 6 -13.70 -6.47 25.19
C GLU E 6 -12.88 -6.94 26.39
N ALA E 7 -12.43 -6.00 27.22
CA ALA E 7 -11.75 -6.37 28.45
C ALA E 7 -12.67 -7.15 29.38
N ILE E 8 -13.91 -6.67 29.55
CA ILE E 8 -14.84 -7.33 30.46
C ILE E 8 -15.17 -8.74 29.97
N ILE E 9 -15.43 -8.89 28.67
CA ILE E 9 -15.86 -10.17 28.16
C ILE E 9 -14.69 -11.16 28.07
N ARG E 10 -13.46 -10.67 27.89
CA ARG E 10 -12.33 -11.58 27.86
C ARG E 10 -12.00 -12.12 29.24
N LYS E 11 -12.24 -11.31 30.28
CA LYS E 11 -12.09 -11.81 31.65
C LYS E 11 -13.13 -12.88 31.96
N ALA E 12 -14.39 -12.65 31.58
CA ALA E 12 -15.44 -13.61 31.84
C ALA E 12 -15.26 -14.88 31.03
N LEU E 13 -14.62 -14.79 29.86
CA LEU E 13 -14.27 -16.00 29.11
C LEU E 13 -13.26 -16.84 29.88
N MET E 14 -12.37 -16.20 30.64
CA MET E 14 -11.35 -16.89 31.40
C MET E 14 -11.69 -16.85 32.89
N GLY E 15 -12.91 -17.25 33.24
CA GLY E 15 -13.35 -17.21 34.62
C GLY E 15 -13.20 -18.52 35.35
N LYS E 16 -13.51 -19.63 34.65
CA LYS E 16 -13.40 -20.95 35.23
C LYS E 16 -11.96 -21.38 35.46
N TYR E 17 -10.99 -20.59 34.99
CA TYR E 17 -9.58 -20.92 35.17
C TYR E 17 -8.83 -19.76 35.83
N GLY F 4 18.61 -7.39 9.94
CA GLY F 4 19.22 -6.53 8.94
C GLY F 4 18.48 -5.21 8.78
N LEU F 5 19.22 -4.14 8.50
CA LEU F 5 18.60 -2.83 8.36
C LEU F 5 17.64 -2.80 7.17
N GLU F 6 18.06 -3.37 6.04
CA GLU F 6 17.21 -3.38 4.85
C GLU F 6 15.93 -4.17 5.10
N ALA F 7 16.03 -5.26 5.88
CA ALA F 7 14.84 -6.05 6.18
C ALA F 7 13.84 -5.25 7.02
N ILE F 8 14.34 -4.48 7.99
CA ILE F 8 13.46 -3.65 8.81
C ILE F 8 12.78 -2.60 7.95
N ILE F 9 13.52 -2.02 7.00
CA ILE F 9 12.97 -0.96 6.17
C ILE F 9 11.89 -1.50 5.24
N ARG F 10 12.14 -2.65 4.61
CA ARG F 10 11.14 -3.22 3.70
C ARG F 10 9.87 -3.58 4.46
N LYS F 11 10.01 -4.13 5.67
CA LYS F 11 8.83 -4.46 6.47
C LYS F 11 8.04 -3.21 6.83
N ALA F 12 8.73 -2.10 7.08
CA ALA F 12 8.03 -0.85 7.38
C ALA F 12 7.41 -0.24 6.12
N LEU F 13 8.07 -0.42 4.96
CA LEU F 13 7.50 0.08 3.71
C LEU F 13 6.17 -0.59 3.39
N MET F 14 5.97 -1.83 3.83
CA MET F 14 4.77 -2.56 3.47
C MET F 14 3.56 -2.13 4.29
N GLY F 15 3.77 -1.71 5.53
CA GLY F 15 2.66 -1.31 6.39
C GLY F 15 1.78 -2.47 6.76
N LYS F 16 0.50 -2.41 6.38
CA LYS F 16 -0.44 -3.50 6.66
C LYS F 16 -0.32 -4.65 5.66
N TYR F 17 0.69 -4.63 4.80
CA TYR F 17 0.86 -5.69 3.81
C TYR F 17 2.12 -6.50 4.08
N GLY G 4 -12.40 -18.66 -0.95
CA GLY G 4 -11.64 -18.96 -2.15
C GLY G 4 -11.21 -17.72 -2.90
N LEU G 5 -12.15 -16.80 -3.11
CA LEU G 5 -11.84 -15.53 -3.75
C LEU G 5 -11.06 -14.61 -2.81
N GLU G 6 -11.32 -14.69 -1.50
CA GLU G 6 -10.61 -13.85 -0.54
C GLU G 6 -9.12 -14.14 -0.52
N ALA G 7 -8.73 -15.40 -0.76
CA ALA G 7 -7.32 -15.75 -0.73
C ALA G 7 -6.55 -15.05 -1.84
N ILE G 8 -7.11 -15.03 -3.06
CA ILE G 8 -6.41 -14.41 -4.17
C ILE G 8 -6.46 -12.89 -4.06
N ILE G 9 -7.50 -12.34 -3.43
CA ILE G 9 -7.55 -10.91 -3.17
C ILE G 9 -6.42 -10.49 -2.22
N ARG G 10 -6.16 -11.31 -1.20
CA ARG G 10 -5.17 -10.95 -0.19
C ARG G 10 -3.76 -10.95 -0.79
N LYS G 11 -3.42 -11.98 -1.57
CA LYS G 11 -2.11 -12.00 -2.22
C LYS G 11 -1.97 -10.89 -3.26
N ALA G 12 -3.08 -10.35 -3.74
CA ALA G 12 -3.02 -9.22 -4.66
C ALA G 12 -2.85 -7.90 -3.95
N LEU G 13 -3.33 -7.80 -2.70
CA LEU G 13 -3.14 -6.57 -1.92
C LEU G 13 -1.67 -6.30 -1.67
N MET G 14 -0.86 -7.36 -1.57
CA MET G 14 0.58 -7.24 -1.34
C MET G 14 1.38 -7.85 -2.48
N GLY G 15 0.81 -7.86 -3.69
CA GLY G 15 1.53 -8.36 -4.84
C GLY G 15 2.71 -7.50 -5.25
N LYS G 16 2.68 -6.21 -4.89
CA LYS G 16 3.79 -5.31 -5.17
C LYS G 16 5.03 -5.64 -4.35
N TYR G 17 4.94 -6.55 -3.39
CA TYR G 17 6.06 -6.95 -2.54
C TYR G 17 6.33 -8.44 -2.70
N ASP G 18 7.60 -8.81 -2.68
CA ASP G 18 8.02 -10.21 -2.66
C ASP G 18 9.40 -10.36 -2.03
N LEU H 5 35.61 -10.66 -35.23
CA LEU H 5 34.67 -10.17 -34.24
C LEU H 5 33.58 -11.20 -33.97
N GLU H 6 33.06 -11.78 -35.06
CA GLU H 6 32.04 -12.80 -34.92
C GLU H 6 32.55 -14.00 -34.14
N ALA H 7 33.83 -14.34 -34.31
CA ALA H 7 34.41 -15.44 -33.55
C ALA H 7 34.53 -15.10 -32.07
N ILE H 8 34.84 -13.84 -31.76
CA ILE H 8 34.92 -13.42 -30.35
C ILE H 8 33.54 -13.47 -29.71
N ILE H 9 32.53 -12.93 -30.41
CA ILE H 9 31.16 -12.94 -29.90
C ILE H 9 30.67 -14.37 -29.70
N ARG H 10 30.90 -15.23 -30.69
CA ARG H 10 30.44 -16.61 -30.61
C ARG H 10 31.13 -17.34 -29.45
N LYS H 11 32.41 -17.07 -29.23
CA LYS H 11 33.11 -17.70 -28.11
C LYS H 11 32.62 -17.16 -26.78
N ALA H 12 32.37 -15.85 -26.71
CA ALA H 12 31.81 -15.27 -25.48
C ALA H 12 30.39 -15.74 -25.25
N LEU H 13 29.61 -15.91 -26.32
CA LEU H 13 28.25 -16.39 -26.18
C LEU H 13 28.20 -17.83 -25.68
N MET H 14 29.18 -18.64 -26.06
CA MET H 14 29.25 -20.03 -25.62
C MET H 14 30.13 -20.21 -24.39
N GLY H 15 30.34 -19.15 -23.61
CA GLY H 15 31.25 -19.15 -22.48
C GLY H 15 31.26 -20.41 -21.63
N LYS H 16 32.45 -20.78 -21.16
CA LYS H 16 32.72 -22.01 -20.42
C LYS H 16 32.70 -23.23 -21.33
N TYR H 17 31.76 -23.28 -22.28
CA TYR H 17 31.70 -24.38 -23.24
C TYR H 17 32.64 -24.13 -24.41
#